data_6XMT
#
_entry.id   6XMT
#
_cell.length_a   1.00
_cell.length_b   1.00
_cell.length_c   1.00
_cell.angle_alpha   90.00
_cell.angle_beta   90.00
_cell.angle_gamma   90.00
#
_symmetry.space_group_name_H-M   'P 1'
#
loop_
_entity.id
_entity.type
_entity.pdbx_description
1 polymer 'P5A-type ATPase'
2 non-polymer 'BERYLLIUM TRIFLUORIDE ION'
3 non-polymer 'MAGNESIUM ION'
#
_entity_poly.entity_id   1
_entity_poly.type   'polypeptide(L)'
_entity_poly.pdbx_seq_one_letter_code
;MTKKSFVSSPIVRDSTLLVPKSLIAKPYVLPFFPLYATFAQLYFQQYDRYIKGPEWTFVYLGTLVSLNILVMLMPAWNVK
IKAKFNYSTTKNVNEATHILIYTTPNNGSDGIVEIQRVTEAGSLQTFFQFQKKRFLWHENEQVFSSPKFLVDESPKIGDF
QKCKGHSGDLTHLKRLYGENSFDIPIPTFMELFKEHAVAPLFVFQVFCVALWLLDEFWYYSLFNLFMIISMEAAAVFQRL
TALKEFRTMGIKPYTINVFRNKKWVALQTNELLPMDLVSITRTAEESAIPCDLILLDGSAIVNEAMLSGESTPLLKESIK
LRPSEDNLQLDGVDKIAVLHGGTKALQVTPPEHKSDIPPPPDGGALAIVTKTGFETSQGSLVRVMIYSAERVSVDNKEAL
MFILFLLIFAVIASWYVWVEGTKMGRIQSKLILDCILIITSVVPPELPMELTMAVNSSLAALAKFYVYCTEPFRIPFAGR
IDVCCFDKTGTLTGEDLVFEGLAGISADSENIRHLYSAAEAPESTILVIGAAHALVKLEDGDIVGDPMEKATLKAVGWAV
ERKNSNYREGTGKLDIIRRFQFSSALKRSASIASHNDALFAAVKGAPETIRERLSDIPKNYDEIYKSFTRSGSRVLALAS
KSLPKMSQSKIDDLNRDDVESELTFNGFLIFHCPLKDDAIETIKMLNESSHRSIMITGDNPLTAVHVAKEVGIVFGETLI
LDRAGKSDDNQLLFRDVEETVSIPFDPSKDTFDHSKLFDRYDIAVTGYALNALEGHSQLRDLLRHTWVYARVSPSQKEFL
LNTLKDMGYQTLMCGDGTNDVGALKQAHVGIALLNGTEEGLKKLGEQRRLEGMKMMYIKQTEFMARWNQPQPPVPEPIAH
LFPPGPKNPHYLKALESKGTVITPEIRKAVEEANSKPVEVIKPNGLSEKKPADLASLLLNSAGDAQGDEAPALKLGDASC
AAPFTSKLANVSAVTNIIRQGRCALVNTIQMYKILALNCLISAYSLSIIYMAGVKFGDGQATVSGLLLSVCFLSISRGKP
LEKLSKQRPQSGIFNVYIMGSILSQFAVHIATLVYITTEIYKLEPREPQVDLEKEFAPSLLNTGIFIIQLVQQVSTFAVN
YQGEPFRENIRSNKGMYYGLLGVTGLALASATEFLPELNEAMKFVPMTDDFKIKLTLTLLLDFFGSWGVEHFFKFFFMDD
KPSDISVQQVKIASKGATGGSTAGGATTASGTGENLYFQ
;
_entity_poly.pdbx_strand_id   A
#
loop_
_chem_comp.id
_chem_comp.type
_chem_comp.name
_chem_comp.formula
BEF non-polymer 'BERYLLIUM TRIFLUORIDE ION' 'Be F3 -1'
MG non-polymer 'MAGNESIUM ION' 'Mg 2'
#
# COMPACT_ATOMS: atom_id res chain seq x y z
N LYS A 4 -5.60 39.88 -17.75
CA LYS A 4 -6.17 39.20 -16.58
C LYS A 4 -5.09 38.51 -15.78
N SER A 5 -5.44 37.38 -15.18
CA SER A 5 -4.50 36.63 -14.37
C SER A 5 -3.80 35.59 -15.22
N PHE A 6 -2.57 35.26 -14.84
CA PHE A 6 -1.81 34.23 -15.54
C PHE A 6 -0.87 33.60 -14.51
N VAL A 7 -1.31 32.49 -13.92
CA VAL A 7 -0.49 31.80 -12.93
C VAL A 7 0.80 31.31 -13.59
N SER A 8 1.92 31.53 -12.91
CA SER A 8 3.24 31.23 -13.44
C SER A 8 3.90 30.20 -12.53
N SER A 9 3.79 28.93 -12.88
CA SER A 9 4.35 27.85 -12.08
C SER A 9 4.49 26.62 -12.96
N PRO A 10 5.47 25.75 -12.69
CA PRO A 10 5.59 24.51 -13.48
C PRO A 10 4.42 23.55 -13.32
N ILE A 11 3.52 23.79 -12.36
CA ILE A 11 2.35 22.95 -12.21
C ILE A 11 1.25 23.35 -13.19
N VAL A 12 1.11 24.64 -13.42
CA VAL A 12 0.00 25.17 -14.21
C VAL A 12 0.43 25.31 -15.67
N ARG A 13 -0.55 25.21 -16.56
CA ARG A 13 -0.38 25.43 -17.99
C ARG A 13 -1.16 26.63 -18.50
N ASP A 14 -2.42 26.76 -18.10
CA ASP A 14 -3.25 27.88 -18.49
C ASP A 14 -4.19 28.20 -17.33
N SER A 15 -4.78 29.39 -17.37
CA SER A 15 -5.69 29.80 -16.31
C SER A 15 -6.59 30.91 -16.81
N THR A 16 -7.87 30.81 -16.49
CA THR A 16 -8.87 31.80 -16.87
C THR A 16 -9.72 32.12 -15.65
N LEU A 17 -9.97 33.41 -15.43
CA LEU A 17 -10.77 33.83 -14.30
C LEU A 17 -12.23 33.40 -14.47
N LEU A 18 -12.99 33.50 -13.38
CA LEU A 18 -14.39 33.08 -13.37
C LEU A 18 -15.17 33.99 -12.43
N VAL A 19 -16.30 34.49 -12.91
CA VAL A 19 -17.20 35.31 -12.09
C VAL A 19 -18.50 34.53 -11.95
N PRO A 20 -19.15 34.52 -10.78
CA PRO A 20 -20.36 33.71 -10.60
C PRO A 20 -21.57 34.36 -11.27
N LYS A 21 -22.29 33.57 -12.05
CA LYS A 21 -23.50 34.01 -12.72
C LYS A 21 -24.72 33.81 -11.83
N SER A 22 -25.72 34.65 -12.02
CA SER A 22 -26.92 34.62 -11.19
C SER A 22 -27.71 33.33 -11.43
N LEU A 23 -28.73 33.13 -10.58
CA LEU A 23 -29.58 31.95 -10.67
C LEU A 23 -30.55 32.01 -11.84
N ILE A 24 -30.55 33.08 -12.62
CA ILE A 24 -31.46 33.24 -13.74
C ILE A 24 -30.75 33.06 -15.08
N ALA A 25 -29.51 33.53 -15.18
CA ALA A 25 -28.75 33.47 -16.41
C ALA A 25 -28.13 32.10 -16.69
N LYS A 26 -28.42 31.10 -15.86
CA LYS A 26 -27.91 29.77 -16.12
C LYS A 26 -28.42 29.25 -17.46
N PRO A 27 -27.56 28.53 -18.20
CA PRO A 27 -27.87 28.07 -19.56
C PRO A 27 -29.09 27.19 -19.67
N TYR A 28 -29.32 26.26 -18.73
CA TYR A 28 -30.50 25.40 -18.84
C TYR A 28 -31.83 26.15 -18.65
N VAL A 29 -31.89 27.13 -17.75
CA VAL A 29 -33.16 27.80 -17.35
C VAL A 29 -33.84 28.71 -18.40
N LEU A 30 -33.11 29.58 -19.12
CA LEU A 30 -33.78 30.54 -20.01
C LEU A 30 -34.56 29.92 -21.18
N PRO A 31 -33.99 28.94 -21.87
CA PRO A 31 -34.59 28.22 -23.01
C PRO A 31 -35.82 27.43 -22.66
N PHE A 32 -35.82 26.82 -21.48
CA PHE A 32 -36.91 25.95 -21.03
C PHE A 32 -38.26 26.65 -20.88
N PHE A 33 -38.30 27.88 -20.36
CA PHE A 33 -39.59 28.52 -20.19
C PHE A 33 -40.39 28.61 -21.49
N PRO A 34 -39.81 28.93 -22.65
CA PRO A 34 -40.60 28.87 -23.89
C PRO A 34 -41.17 27.48 -24.17
N LEU A 35 -40.39 26.43 -23.92
CA LEU A 35 -40.89 25.07 -24.14
C LEU A 35 -42.03 24.72 -23.19
N TYR A 36 -41.91 25.15 -21.94
CA TYR A 36 -43.00 24.90 -20.98
C TYR A 36 -44.25 25.67 -21.37
N ALA A 37 -44.10 26.91 -21.85
CA ALA A 37 -45.25 27.68 -22.30
C ALA A 37 -45.90 27.03 -23.52
N THR A 38 -45.09 26.56 -24.46
CA THR A 38 -45.62 25.83 -25.62
C THR A 38 -46.36 24.57 -25.21
N PHE A 39 -45.82 23.83 -24.26
CA PHE A 39 -46.49 22.63 -23.79
C PHE A 39 -47.81 22.96 -23.10
N ALA A 40 -47.83 24.05 -22.31
CA ALA A 40 -49.06 24.45 -21.65
C ALA A 40 -50.11 24.89 -22.67
N GLN A 41 -49.68 25.58 -23.72
CA GLN A 41 -50.62 26.01 -24.75
C GLN A 41 -51.17 24.83 -25.53
N LEU A 42 -50.31 23.87 -25.89
CA LEU A 42 -50.77 22.69 -26.61
C LEU A 42 -51.69 21.84 -25.75
N TYR A 43 -51.41 21.75 -24.45
CA TYR A 43 -52.26 20.96 -23.56
C TYR A 43 -53.63 21.61 -23.40
N PHE A 44 -53.69 22.93 -23.39
CA PHE A 44 -54.96 23.64 -23.27
C PHE A 44 -55.37 24.25 -24.60
N GLU A 55 -52.79 10.88 -21.99
CA GLU A 55 -52.78 10.25 -23.31
C GLU A 55 -51.37 10.15 -23.85
N TRP A 56 -51.19 10.53 -25.12
CA TRP A 56 -49.88 10.48 -25.75
C TRP A 56 -49.02 11.67 -25.36
N THR A 57 -49.63 12.72 -24.81
CA THR A 57 -48.90 13.95 -24.55
C THR A 57 -48.15 13.91 -23.23
N PHE A 58 -48.48 12.97 -22.35
CA PHE A 58 -47.86 12.96 -21.03
C PHE A 58 -46.41 12.52 -21.10
N VAL A 59 -46.07 11.65 -22.05
CA VAL A 59 -44.69 11.25 -22.22
C VAL A 59 -43.83 12.45 -22.62
N TYR A 60 -44.42 13.46 -23.25
CA TYR A 60 -43.67 14.66 -23.61
C TYR A 60 -43.27 15.45 -22.37
N LEU A 61 -44.21 15.66 -21.45
CA LEU A 61 -43.86 16.30 -20.18
C LEU A 61 -42.84 15.48 -19.42
N GLY A 62 -42.99 14.16 -19.45
CA GLY A 62 -42.01 13.30 -18.80
C GLY A 62 -40.61 13.50 -19.34
N THR A 63 -40.44 13.45 -20.66
CA THR A 63 -39.10 13.54 -21.22
C THR A 63 -38.58 14.98 -21.08
N LEU A 64 -39.48 15.97 -21.04
CA LEU A 64 -39.03 17.34 -20.83
C LEU A 64 -38.46 17.54 -19.43
N VAL A 65 -39.17 17.04 -18.42
CA VAL A 65 -38.64 17.10 -17.06
C VAL A 65 -37.34 16.32 -16.95
N SER A 66 -37.24 15.18 -17.65
CA SER A 66 -36.02 14.39 -17.57
C SER A 66 -34.85 15.16 -18.18
N LEU A 67 -35.06 15.78 -19.34
CA LEU A 67 -33.97 16.50 -19.99
C LEU A 67 -33.58 17.73 -19.17
N ASN A 68 -34.56 18.38 -18.53
CA ASN A 68 -34.25 19.52 -17.66
C ASN A 68 -33.38 19.10 -16.49
N ILE A 69 -33.77 18.01 -15.82
CA ILE A 69 -32.98 17.56 -14.67
C ILE A 69 -31.60 17.10 -15.12
N LEU A 70 -31.50 16.56 -16.33
CA LEU A 70 -30.20 16.12 -16.81
C LEU A 70 -29.30 17.32 -17.10
N VAL A 71 -29.86 18.39 -17.66
CA VAL A 71 -29.05 19.57 -17.94
C VAL A 71 -28.43 20.08 -16.65
N MET A 72 -29.23 20.07 -15.58
CA MET A 72 -28.77 20.55 -14.28
C MET A 72 -27.63 19.71 -13.71
N LEU A 73 -27.69 18.39 -13.91
CA LEU A 73 -26.67 17.50 -13.36
C LEU A 73 -25.48 17.29 -14.32
N MET A 74 -25.55 17.88 -15.52
CA MET A 74 -24.45 17.75 -16.49
C MET A 74 -23.14 18.34 -16.01
N PRO A 75 -23.16 19.48 -15.32
CA PRO A 75 -21.94 20.13 -14.83
C PRO A 75 -21.11 19.31 -13.87
N ALA A 76 -21.76 18.53 -12.99
CA ALA A 76 -21.07 17.98 -11.83
C ALA A 76 -20.01 16.94 -12.21
N TRP A 77 -20.10 16.35 -13.40
CA TRP A 77 -19.18 15.27 -13.74
C TRP A 77 -17.82 15.82 -14.17
N ASN A 78 -17.79 16.88 -14.95
CA ASN A 78 -16.55 17.45 -15.47
C ASN A 78 -16.40 18.89 -14.97
N VAL A 79 -15.20 19.22 -14.48
CA VAL A 79 -14.97 20.56 -13.96
C VAL A 79 -14.94 21.59 -15.09
N LYS A 80 -14.54 21.17 -16.29
CA LYS A 80 -14.55 22.08 -17.42
C LYS A 80 -15.97 22.49 -17.78
N ILE A 81 -16.88 21.52 -17.84
CA ILE A 81 -18.28 21.82 -18.12
C ILE A 81 -18.89 22.65 -17.00
N LYS A 82 -18.49 22.36 -15.76
CA LYS A 82 -18.98 23.14 -14.62
C LYS A 82 -18.55 24.59 -14.72
N ALA A 83 -17.28 24.83 -15.05
CA ALA A 83 -16.80 26.20 -15.19
C ALA A 83 -17.40 26.89 -16.41
N LYS A 84 -17.73 26.13 -17.45
CA LYS A 84 -18.35 26.73 -18.63
C LYS A 84 -19.80 27.12 -18.35
N PHE A 85 -20.53 26.29 -17.60
CA PHE A 85 -21.94 26.55 -17.36
C PHE A 85 -22.15 27.60 -16.27
N ASN A 86 -21.57 27.38 -15.08
CA ASN A 86 -21.95 28.18 -13.93
C ASN A 86 -21.28 29.56 -13.94
N TYR A 87 -19.99 29.63 -14.25
CA TYR A 87 -19.26 30.89 -14.23
C TYR A 87 -18.93 31.34 -15.65
N SER A 88 -18.84 32.65 -15.82
CA SER A 88 -18.46 33.26 -17.09
C SER A 88 -17.10 33.91 -16.93
N THR A 89 -16.17 33.60 -17.85
CA THR A 89 -14.81 34.10 -17.72
C THR A 89 -14.78 35.62 -17.82
N THR A 90 -13.88 36.24 -17.05
CA THR A 90 -13.68 37.68 -17.06
C THR A 90 -12.20 37.97 -17.27
N LYS A 91 -11.85 39.26 -17.24
CA LYS A 91 -10.47 39.69 -17.48
C LYS A 91 -10.00 40.72 -16.45
N ASN A 92 -10.60 40.72 -15.26
CA ASN A 92 -10.25 41.67 -14.21
C ASN A 92 -10.07 40.91 -12.91
N VAL A 93 -8.85 40.93 -12.37
CA VAL A 93 -8.54 40.11 -11.21
C VAL A 93 -9.13 40.69 -9.93
N ASN A 94 -9.52 41.97 -9.94
CA ASN A 94 -10.09 42.59 -8.76
C ASN A 94 -11.58 42.31 -8.58
N GLU A 95 -12.21 41.55 -9.48
CA GLU A 95 -13.62 41.23 -9.35
C GLU A 95 -13.94 39.75 -9.48
N ALA A 96 -13.06 38.94 -10.07
CA ALA A 96 -13.31 37.50 -10.13
C ALA A 96 -13.15 36.89 -8.74
N THR A 97 -14.00 35.90 -8.44
CA THR A 97 -13.94 35.22 -7.16
C THR A 97 -13.65 33.73 -7.29
N HIS A 98 -13.34 33.27 -8.50
CA HIS A 98 -12.88 31.90 -8.72
C HIS A 98 -11.95 31.91 -9.91
N ILE A 99 -11.04 30.94 -9.94
CA ILE A 99 -10.02 30.86 -10.98
C ILE A 99 -9.83 29.41 -11.38
N LEU A 100 -9.83 29.14 -12.69
CA LEU A 100 -9.66 27.80 -13.21
C LEU A 100 -8.18 27.54 -13.49
N ILE A 101 -7.70 26.38 -13.07
CA ILE A 101 -6.29 26.02 -13.15
C ILE A 101 -6.14 24.84 -14.09
N TYR A 102 -5.43 25.06 -15.20
CA TYR A 102 -5.18 24.02 -16.19
C TYR A 102 -3.79 23.42 -15.91
N THR A 103 -3.77 22.22 -15.35
CA THR A 103 -2.52 21.63 -14.89
C THR A 103 -1.73 21.06 -16.06
N THR A 104 -0.44 20.82 -15.81
CA THR A 104 0.46 20.23 -16.79
C THR A 104 0.14 18.75 -16.96
N PRO A 105 0.66 18.10 -18.01
CA PRO A 105 0.27 16.70 -18.24
C PRO A 105 0.69 15.73 -17.16
N ASN A 106 1.76 16.02 -16.43
CA ASN A 106 2.30 15.08 -15.45
C ASN A 106 1.94 15.42 -14.01
N ASN A 107 1.08 16.43 -13.79
CA ASN A 107 0.76 16.89 -12.45
C ASN A 107 -0.75 16.91 -12.24
N GLY A 108 -1.29 15.80 -11.73
CA GLY A 108 -2.67 15.79 -11.25
C GLY A 108 -3.68 16.11 -12.34
N SER A 109 -4.78 16.74 -11.93
CA SER A 109 -5.87 17.08 -12.82
C SER A 109 -6.33 18.50 -12.53
N ASP A 110 -7.13 19.04 -13.45
CA ASP A 110 -7.61 20.41 -13.34
C ASP A 110 -8.55 20.56 -12.13
N GLY A 111 -8.90 21.80 -11.84
CA GLY A 111 -9.77 22.06 -10.69
C GLY A 111 -10.08 23.54 -10.58
N ILE A 112 -10.93 23.84 -9.59
CA ILE A 112 -11.38 25.20 -9.31
C ILE A 112 -10.94 25.56 -7.90
N VAL A 113 -10.25 26.68 -7.76
CA VAL A 113 -9.78 27.16 -6.47
C VAL A 113 -10.30 28.57 -6.24
N GLU A 114 -10.56 28.89 -4.98
CA GLU A 114 -11.23 30.14 -4.62
C GLU A 114 -10.20 31.23 -4.32
N ILE A 115 -10.40 32.40 -4.93
CA ILE A 115 -9.53 33.54 -4.71
C ILE A 115 -9.93 34.20 -3.40
N GLN A 116 -9.02 34.20 -2.43
CA GLN A 116 -9.27 34.83 -1.15
C GLN A 116 -8.70 36.25 -1.14
N ARG A 117 -9.13 37.03 -0.16
CA ARG A 117 -8.64 38.40 -0.03
C ARG A 117 -8.57 38.76 1.45
N VAL A 118 -7.60 39.60 1.79
CA VAL A 118 -7.43 40.08 3.16
C VAL A 118 -6.57 41.33 3.12
N THR A 119 -6.90 42.29 3.98
CA THR A 119 -6.19 43.56 4.04
C THR A 119 -5.24 43.56 5.24
N GLU A 120 -3.94 43.70 4.95
CA GLU A 120 -2.91 43.77 5.98
C GLU A 120 -1.97 44.90 5.64
N ALA A 121 -1.61 45.71 6.64
CA ALA A 121 -0.71 46.85 6.47
C ALA A 121 -1.23 47.81 5.41
N GLY A 122 -2.55 47.98 5.36
CA GLY A 122 -3.15 48.95 4.46
C GLY A 122 -3.26 48.52 3.01
N SER A 123 -2.90 47.28 2.68
CA SER A 123 -2.97 46.79 1.31
C SER A 123 -3.58 45.40 1.29
N LEU A 124 -4.56 45.20 0.40
CA LEU A 124 -5.20 43.92 0.25
C LEU A 124 -4.30 42.98 -0.54
N GLN A 125 -4.28 41.71 -0.14
CA GLN A 125 -3.35 40.73 -0.69
C GLN A 125 -4.13 39.55 -1.24
N THR A 126 -4.44 39.59 -2.54
CA THR A 126 -5.12 38.49 -3.21
C THR A 126 -4.24 37.25 -3.18
N PHE A 127 -4.80 36.12 -2.76
CA PHE A 127 -4.03 34.89 -2.72
C PHE A 127 -4.96 33.69 -2.68
N PHE A 128 -4.46 32.56 -3.14
CA PHE A 128 -5.16 31.28 -3.01
C PHE A 128 -4.11 30.20 -2.77
N GLN A 129 -4.51 28.94 -2.92
CA GLN A 129 -3.61 27.83 -2.63
C GLN A 129 -4.08 26.61 -3.41
N PHE A 130 -3.30 26.19 -4.41
CA PHE A 130 -3.65 25.08 -5.28
C PHE A 130 -2.66 23.94 -5.08
N GLN A 131 -3.18 22.75 -4.76
CA GLN A 131 -2.36 21.56 -4.54
C GLN A 131 -1.33 21.79 -3.43
N LYS A 132 -1.76 22.42 -2.34
CA LYS A 132 -0.91 22.69 -1.18
C LYS A 132 0.30 23.54 -1.54
N LYS A 133 0.26 24.24 -2.68
CA LYS A 133 1.33 25.12 -3.12
C LYS A 133 0.79 26.53 -3.16
N ARG A 134 1.34 27.41 -2.34
CA ARG A 134 0.77 28.74 -2.17
C ARG A 134 0.97 29.60 -3.41
N PHE A 135 0.06 30.54 -3.61
CA PHE A 135 0.17 31.55 -4.65
C PHE A 135 -0.19 32.90 -4.07
N LEU A 136 0.30 33.97 -4.69
CA LEU A 136 0.06 35.33 -4.23
C LEU A 136 -0.04 36.23 -5.45
N TRP A 137 -0.56 37.44 -5.26
CA TRP A 137 -0.78 38.37 -6.36
C TRP A 137 0.31 39.44 -6.35
N HIS A 138 1.11 39.46 -7.42
CA HIS A 138 2.16 40.46 -7.61
C HIS A 138 1.69 41.46 -8.66
N GLU A 139 1.51 42.72 -8.26
CA GLU A 139 0.96 43.71 -9.18
C GLU A 139 1.96 44.13 -10.24
N ASN A 140 3.26 44.10 -9.92
CA ASN A 140 4.27 44.60 -10.84
C ASN A 140 4.34 43.76 -12.13
N GLU A 141 4.05 42.47 -12.02
CA GLU A 141 4.04 41.60 -13.18
C GLU A 141 2.65 41.06 -13.52
N GLN A 142 1.65 41.29 -12.65
CA GLN A 142 0.28 40.86 -12.87
C GLN A 142 0.19 39.34 -13.08
N VAL A 143 0.85 38.60 -12.20
CA VAL A 143 0.86 37.14 -12.26
C VAL A 143 0.83 36.59 -10.85
N PHE A 144 0.16 35.45 -10.68
CA PHE A 144 0.16 34.71 -9.43
C PHE A 144 1.44 33.88 -9.38
N SER A 145 2.37 34.24 -8.50
CA SER A 145 3.69 33.62 -8.46
C SER A 145 3.90 32.94 -7.11
N SER A 146 4.33 31.69 -7.15
CA SER A 146 4.65 30.95 -5.93
C SER A 146 5.96 31.47 -5.35
N PRO A 147 6.14 31.37 -4.02
CA PRO A 147 7.37 31.89 -3.40
C PRO A 147 8.59 31.08 -3.80
N LYS A 148 9.72 31.77 -3.92
CA LYS A 148 11.00 31.15 -4.24
C LYS A 148 11.95 31.40 -3.08
N PHE A 149 12.50 30.31 -2.53
CA PHE A 149 13.35 30.41 -1.35
C PHE A 149 14.75 30.86 -1.72
N LEU A 150 15.51 31.28 -0.69
CA LEU A 150 16.85 31.81 -0.93
C LEU A 150 17.84 30.69 -1.27
N VAL A 151 17.65 29.52 -0.67
CA VAL A 151 18.61 28.43 -0.89
C VAL A 151 18.56 27.94 -2.33
N ASP A 152 17.41 28.07 -2.98
CA ASP A 152 17.30 27.67 -4.38
C ASP A 152 18.09 28.63 -5.27
N GLU A 153 17.90 29.92 -5.09
CA GLU A 153 18.77 30.90 -5.73
C GLU A 153 20.20 30.72 -5.24
N SER A 154 21.17 31.03 -6.09
CA SER A 154 22.57 30.80 -5.76
C SER A 154 23.01 31.72 -4.62
N PRO A 155 23.22 31.20 -3.41
CA PRO A 155 23.59 32.07 -2.30
C PRO A 155 25.09 32.14 -2.06
N LYS A 156 25.59 33.30 -1.64
CA LYS A 156 26.92 33.34 -1.07
C LYS A 156 26.88 32.81 0.36
N ILE A 157 27.92 32.07 0.74
CA ILE A 157 27.94 31.45 2.05
C ILE A 157 27.98 32.51 3.15
N GLY A 158 28.43 33.71 2.80
CA GLY A 158 28.40 34.80 3.77
C GLY A 158 27.00 35.19 4.16
N ASP A 159 26.04 35.10 3.24
CA ASP A 159 24.66 35.42 3.55
C ASP A 159 24.13 34.54 4.67
N PHE A 160 24.57 33.28 4.71
CA PHE A 160 24.15 32.39 5.79
C PHE A 160 25.00 32.61 7.04
N GLN A 161 26.30 32.83 6.88
CA GLN A 161 27.17 32.96 8.04
C GLN A 161 26.86 34.20 8.86
N LYS A 162 26.44 35.28 8.21
CA LYS A 162 26.31 36.57 8.88
C LYS A 162 24.91 36.85 9.41
N CYS A 163 23.95 35.95 9.19
CA CYS A 163 22.59 36.21 9.60
C CYS A 163 22.44 36.16 11.12
N LYS A 164 21.49 36.93 11.64
CA LYS A 164 21.29 37.07 13.08
C LYS A 164 19.81 36.94 13.45
N GLY A 165 19.10 36.01 12.82
CA GLY A 165 17.74 35.71 13.19
C GLY A 165 16.74 36.79 12.84
N HIS A 166 15.47 36.53 13.11
CA HIS A 166 14.41 37.48 12.76
C HIS A 166 14.31 38.58 13.81
N SER A 167 13.86 39.75 13.38
CA SER A 167 13.67 40.89 14.25
C SER A 167 12.52 41.74 13.71
N GLY A 168 11.80 42.37 14.62
CA GLY A 168 10.66 43.18 14.24
C GLY A 168 9.37 42.39 14.20
N ASP A 169 8.43 42.89 13.40
CA ASP A 169 7.11 42.28 13.26
C ASP A 169 7.06 41.56 11.92
N LEU A 170 6.96 40.24 11.97
CA LEU A 170 6.93 39.39 10.78
C LEU A 170 5.50 39.01 10.41
N THR A 171 4.70 40.04 10.11
CA THR A 171 3.33 39.84 9.65
C THR A 171 3.23 39.63 8.15
N HIS A 172 4.32 39.84 7.41
CA HIS A 172 4.36 39.57 5.98
C HIS A 172 4.99 38.23 5.66
N LEU A 173 5.99 37.82 6.45
CA LEU A 173 6.60 36.51 6.26
C LEU A 173 5.58 35.40 6.51
N LYS A 174 4.69 35.60 7.49
CA LYS A 174 3.66 34.60 7.76
C LYS A 174 2.74 34.42 6.57
N ARG A 175 2.47 35.49 5.82
CA ARG A 175 1.65 35.38 4.62
C ARG A 175 2.43 34.78 3.46
N LEU A 176 3.70 35.14 3.34
CA LEU A 176 4.47 34.73 2.17
C LEU A 176 4.86 33.26 2.24
N TYR A 177 5.19 32.75 3.44
CA TYR A 177 5.70 31.39 3.58
C TYR A 177 4.75 30.46 4.32
N GLY A 178 3.86 30.96 5.16
CA GLY A 178 2.92 30.12 5.87
C GLY A 178 3.54 29.44 7.07
N GLU A 179 2.72 28.63 7.73
CA GLU A 179 3.15 27.90 8.92
C GLU A 179 3.74 26.55 8.54
N ASN A 180 4.73 26.12 9.32
CA ASN A 180 5.38 24.82 9.12
C ASN A 180 4.44 23.75 9.66
N SER A 181 3.46 23.38 8.83
CA SER A 181 2.43 22.44 9.25
C SER A 181 2.17 21.44 8.14
N PHE A 182 2.05 20.17 8.52
CA PHE A 182 1.76 19.07 7.59
C PHE A 182 0.33 18.61 7.84
N ASP A 183 -0.61 19.11 7.05
CA ASP A 183 -2.02 18.78 7.19
C ASP A 183 -2.51 18.17 5.88
N ILE A 184 -2.82 16.87 5.92
CA ILE A 184 -3.26 16.14 4.74
C ILE A 184 -4.78 16.12 4.69
N PRO A 185 -5.39 16.43 3.55
CA PRO A 185 -6.86 16.45 3.48
C PRO A 185 -7.43 15.06 3.27
N ILE A 186 -8.58 14.81 3.90
CA ILE A 186 -9.29 13.54 3.76
C ILE A 186 -10.57 13.79 2.97
N PRO A 187 -11.04 12.83 2.17
CA PRO A 187 -12.25 13.07 1.38
C PRO A 187 -13.50 13.02 2.24
N THR A 188 -14.49 13.81 1.84
CA THR A 188 -15.75 13.87 2.56
C THR A 188 -16.65 12.70 2.21
N PHE A 189 -17.72 12.53 2.99
CA PHE A 189 -18.59 11.37 2.82
C PHE A 189 -19.32 11.42 1.48
N MET A 190 -19.70 12.62 1.03
CA MET A 190 -20.53 12.72 -0.17
C MET A 190 -19.77 12.28 -1.42
N GLU A 191 -18.52 12.72 -1.57
CA GLU A 191 -17.74 12.29 -2.71
C GLU A 191 -17.46 10.79 -2.67
N LEU A 192 -17.22 10.26 -1.47
CA LEU A 192 -16.95 8.83 -1.34
C LEU A 192 -18.18 8.02 -1.70
N PHE A 193 -19.38 8.52 -1.38
CA PHE A 193 -20.61 7.85 -1.78
C PHE A 193 -20.86 8.00 -3.27
N LYS A 194 -20.50 9.15 -3.83
CA LYS A 194 -20.65 9.36 -5.27
C LYS A 194 -19.77 8.40 -6.05
N GLU A 195 -18.61 8.06 -5.49
CA GLU A 195 -17.73 7.08 -6.13
C GLU A 195 -18.38 5.70 -6.17
N HIS A 196 -19.09 5.34 -5.10
CA HIS A 196 -19.73 4.02 -5.04
C HIS A 196 -20.99 3.98 -5.88
N ALA A 197 -21.68 5.10 -6.03
CA ALA A 197 -22.98 5.13 -6.69
C ALA A 197 -22.85 5.13 -8.21
N VAL A 198 -21.69 4.74 -8.73
CA VAL A 198 -21.46 4.70 -10.17
C VAL A 198 -21.35 3.24 -10.60
N ALA A 199 -20.98 2.37 -9.67
CA ALA A 199 -20.78 0.94 -9.90
C ALA A 199 -21.95 0.33 -10.65
N PRO A 200 -21.71 -0.66 -11.51
CA PRO A 200 -22.80 -1.21 -12.33
C PRO A 200 -23.88 -1.91 -11.52
N LEU A 201 -23.51 -2.59 -10.44
CA LEU A 201 -24.50 -3.32 -9.66
C LEU A 201 -25.50 -2.38 -8.99
N PHE A 202 -25.02 -1.26 -8.46
CA PHE A 202 -25.93 -0.32 -7.79
C PHE A 202 -26.89 0.32 -8.77
N VAL A 203 -26.40 0.73 -9.94
CA VAL A 203 -27.28 1.36 -10.91
C VAL A 203 -28.27 0.33 -11.47
N PHE A 204 -27.83 -0.91 -11.65
CA PHE A 204 -28.76 -1.95 -12.08
C PHE A 204 -29.83 -2.21 -11.04
N GLN A 205 -29.45 -2.18 -9.76
CA GLN A 205 -30.42 -2.42 -8.70
C GLN A 205 -31.45 -1.30 -8.62
N VAL A 206 -31.00 -0.05 -8.72
CA VAL A 206 -31.99 1.03 -8.67
C VAL A 206 -32.86 1.01 -9.92
N PHE A 207 -32.29 0.64 -11.07
CA PHE A 207 -33.09 0.53 -12.28
C PHE A 207 -34.17 -0.54 -12.16
N CYS A 208 -33.81 -1.70 -11.60
CA CYS A 208 -34.79 -2.79 -11.51
C CYS A 208 -35.84 -2.47 -10.45
N VAL A 209 -35.46 -1.84 -9.34
CA VAL A 209 -36.48 -1.50 -8.35
C VAL A 209 -37.39 -0.42 -8.88
N ALA A 210 -36.89 0.47 -9.75
CA ALA A 210 -37.77 1.45 -10.39
C ALA A 210 -38.74 0.77 -11.36
N LEU A 211 -38.21 -0.16 -12.18
CA LEU A 211 -39.07 -0.91 -13.09
C LEU A 211 -40.17 -1.64 -12.33
N TRP A 212 -39.85 -2.18 -11.15
CA TRP A 212 -40.86 -2.90 -10.38
C TRP A 212 -41.84 -1.94 -9.72
N LEU A 213 -41.35 -0.79 -9.21
CA LEU A 213 -42.22 0.20 -8.61
C LEU A 213 -43.19 0.79 -9.62
N LEU A 214 -42.85 0.73 -10.91
CA LEU A 214 -43.75 1.24 -11.94
C LEU A 214 -45.16 0.68 -11.83
N ASP A 215 -45.31 -0.57 -11.38
CA ASP A 215 -46.62 -1.19 -11.26
C ASP A 215 -46.89 -1.90 -9.94
N GLU A 216 -45.86 -2.29 -9.19
CA GLU A 216 -46.05 -3.07 -7.97
C GLU A 216 -46.40 -2.16 -6.80
N PHE A 217 -46.35 -2.72 -5.59
CA PHE A 217 -46.70 -1.97 -4.39
C PHE A 217 -45.67 -0.89 -4.09
N TRP A 218 -46.02 -0.03 -3.14
CA TRP A 218 -45.12 1.04 -2.72
C TRP A 218 -44.25 0.61 -1.53
N TYR A 219 -44.84 -0.11 -0.57
CA TYR A 219 -44.12 -0.46 0.64
C TYR A 219 -42.92 -1.35 0.34
N TYR A 220 -43.13 -2.40 -0.45
CA TYR A 220 -42.04 -3.31 -0.78
C TYR A 220 -40.92 -2.60 -1.54
N SER A 221 -41.29 -1.75 -2.50
CA SER A 221 -40.27 -1.06 -3.28
C SER A 221 -39.47 -0.09 -2.42
N LEU A 222 -40.15 0.67 -1.55
CA LEU A 222 -39.44 1.60 -0.69
C LEU A 222 -38.55 0.87 0.31
N PHE A 223 -39.02 -0.26 0.84
CA PHE A 223 -38.19 -1.04 1.76
C PHE A 223 -36.96 -1.60 1.04
N ASN A 224 -37.13 -2.08 -0.19
CA ASN A 224 -36.00 -2.58 -0.95
C ASN A 224 -34.99 -1.47 -1.23
N LEU A 225 -35.48 -0.28 -1.60
CA LEU A 225 -34.56 0.82 -1.87
C LEU A 225 -33.81 1.24 -0.61
N PHE A 226 -34.52 1.28 0.53
CA PHE A 226 -33.85 1.61 1.78
C PHE A 226 -32.80 0.57 2.15
N MET A 227 -33.12 -0.71 1.95
CA MET A 227 -32.15 -1.77 2.26
C MET A 227 -30.96 -1.72 1.31
N ILE A 228 -31.15 -1.23 0.08
CA ILE A 228 -30.02 -1.07 -0.83
C ILE A 228 -29.15 0.10 -0.40
N ILE A 229 -29.78 1.20 0.03
CA ILE A 229 -29.02 2.39 0.41
C ILE A 229 -28.23 2.15 1.70
N SER A 230 -28.79 1.38 2.63
CA SER A 230 -28.13 1.16 3.91
C SER A 230 -26.80 0.44 3.75
N MET A 231 -26.72 -0.50 2.79
CA MET A 231 -25.48 -1.23 2.57
C MET A 231 -24.36 -0.29 2.14
N GLU A 232 -24.65 0.57 1.16
CA GLU A 232 -23.66 1.54 0.71
C GLU A 232 -23.28 2.51 1.82
N ALA A 233 -24.27 2.93 2.62
CA ALA A 233 -23.97 3.81 3.74
C ALA A 233 -22.98 3.17 4.70
N ALA A 234 -23.23 1.91 5.08
CA ALA A 234 -22.34 1.23 6.00
C ALA A 234 -20.95 1.03 5.41
N ALA A 235 -20.88 0.66 4.12
CA ALA A 235 -19.59 0.45 3.48
C ALA A 235 -18.77 1.74 3.45
N VAL A 236 -19.41 2.84 3.06
CA VAL A 236 -18.69 4.11 3.00
C VAL A 236 -18.29 4.56 4.41
N PHE A 237 -19.13 4.29 5.41
CA PHE A 237 -18.76 4.64 6.78
C PHE A 237 -17.52 3.88 7.23
N GLN A 238 -17.45 2.58 6.93
CA GLN A 238 -16.27 1.80 7.30
C GLN A 238 -15.02 2.32 6.61
N ARG A 239 -15.11 2.54 5.30
CA ARG A 239 -13.95 3.03 4.55
C ARG A 239 -13.52 4.41 5.05
N LEU A 240 -14.49 5.26 5.40
CA LEU A 240 -14.17 6.61 5.86
C LEU A 240 -13.52 6.58 7.24
N THR A 241 -13.96 5.69 8.11
CA THR A 241 -13.29 5.54 9.40
C THR A 241 -11.85 5.08 9.21
N ALA A 242 -11.64 4.10 8.32
CA ALA A 242 -10.28 3.64 8.05
C ALA A 242 -9.40 4.77 7.53
N LEU A 243 -9.93 5.55 6.58
CA LEU A 243 -9.18 6.68 6.04
C LEU A 243 -8.86 7.70 7.12
N LYS A 244 -9.87 8.09 7.91
CA LYS A 244 -9.66 9.08 8.96
C LYS A 244 -8.61 8.63 9.96
N GLU A 245 -8.54 7.33 10.25
CA GLU A 245 -7.53 6.87 11.19
C GLU A 245 -6.13 6.82 10.57
N PHE A 246 -6.00 6.23 9.39
CA PHE A 246 -4.69 5.87 8.85
C PHE A 246 -4.20 6.78 7.74
N ARG A 247 -4.85 7.92 7.49
CA ARG A 247 -4.39 8.86 6.47
C ARG A 247 -3.92 10.13 7.18
N THR A 248 -2.67 10.10 7.62
CA THR A 248 -1.98 11.24 8.24
C THR A 248 -0.55 10.82 8.49
N MET A 249 0.34 11.81 8.54
CA MET A 249 1.71 11.58 8.97
C MET A 249 1.86 12.04 10.41
N GLY A 250 2.56 11.24 11.21
CA GLY A 250 2.65 11.55 12.62
C GLY A 250 3.59 12.70 12.86
N ILE A 251 3.03 13.87 13.14
CA ILE A 251 3.79 15.09 13.33
C ILE A 251 3.16 15.83 14.51
N LYS A 252 3.86 15.88 15.64
CA LYS A 252 3.38 16.56 16.83
C LYS A 252 4.33 17.69 17.18
N PRO A 253 3.87 18.93 17.27
CA PRO A 253 4.77 20.03 17.62
C PRO A 253 5.39 19.83 19.00
N TYR A 254 6.65 20.25 19.13
CA TYR A 254 7.36 20.19 20.40
C TYR A 254 8.23 21.42 20.54
N THR A 255 8.32 21.94 21.75
CA THR A 255 8.96 23.23 21.99
C THR A 255 10.45 23.17 21.70
N ILE A 256 10.95 24.19 21.00
CA ILE A 256 12.38 24.41 20.80
C ILE A 256 12.67 25.89 21.00
N ASN A 257 13.95 26.21 21.11
CA ASN A 257 14.37 27.60 21.27
C ASN A 257 14.59 28.24 19.91
N VAL A 258 14.26 29.52 19.82
CA VAL A 258 14.36 30.29 18.58
C VAL A 258 14.90 31.66 18.91
N PHE A 259 15.81 32.16 18.07
CA PHE A 259 16.43 33.47 18.28
C PHE A 259 15.57 34.52 17.59
N ARG A 260 14.74 35.21 18.37
CA ARG A 260 13.89 36.27 17.86
C ARG A 260 14.02 37.48 18.77
N ASN A 261 14.20 38.66 18.15
CA ASN A 261 14.35 39.92 18.88
C ASN A 261 15.55 39.89 19.83
N LYS A 262 16.63 39.26 19.38
CA LYS A 262 17.90 39.25 20.10
C LYS A 262 17.79 38.65 21.49
N LYS A 263 16.97 37.60 21.62
CA LYS A 263 16.87 36.86 22.87
C LYS A 263 16.31 35.47 22.58
N TRP A 264 16.83 34.48 23.30
CA TRP A 264 16.43 33.09 23.09
C TRP A 264 15.08 32.86 23.76
N VAL A 265 14.03 32.73 22.95
CA VAL A 265 12.68 32.50 23.43
C VAL A 265 12.16 31.20 22.86
N ALA A 266 11.48 30.42 23.70
CA ALA A 266 11.06 29.07 23.35
C ALA A 266 9.73 29.12 22.60
N LEU A 267 9.77 28.79 21.32
CA LEU A 267 8.59 28.71 20.46
C LEU A 267 8.22 27.26 20.23
N GLN A 268 7.21 27.04 19.40
CA GLN A 268 6.80 25.71 18.99
C GLN A 268 7.39 25.40 17.63
N THR A 269 7.04 24.23 17.10
CA THR A 269 7.54 23.81 15.80
C THR A 269 6.71 24.36 14.64
N ASN A 270 5.48 24.83 14.91
CA ASN A 270 4.63 25.34 13.86
C ASN A 270 4.98 26.76 13.44
N GLU A 271 5.67 27.52 14.28
CA GLU A 271 5.92 28.94 14.04
C GLU A 271 7.33 29.18 13.50
N LEU A 272 7.85 28.28 12.69
CA LEU A 272 9.18 28.41 12.12
C LEU A 272 9.11 28.96 10.69
N LEU A 273 10.04 29.82 10.34
CA LEU A 273 10.12 30.43 9.03
C LEU A 273 11.54 30.31 8.51
N PRO A 274 11.75 30.48 7.20
CA PRO A 274 13.12 30.47 6.67
C PRO A 274 13.96 31.58 7.26
N MET A 275 15.26 31.31 7.38
CA MET A 275 16.24 32.23 7.96
C MET A 275 15.87 32.59 9.40
N ASP A 276 15.65 31.54 10.20
CA ASP A 276 15.34 31.66 11.62
C ASP A 276 16.34 30.78 12.35
N LEU A 277 16.95 31.30 13.42
CA LEU A 277 17.96 30.54 14.13
C LEU A 277 17.32 29.63 15.16
N VAL A 278 17.60 28.34 15.07
CA VAL A 278 17.09 27.36 16.02
C VAL A 278 18.28 26.68 16.70
N SER A 279 18.02 26.00 17.82
CA SER A 279 19.07 25.25 18.52
C SER A 279 18.56 23.82 18.69
N ILE A 280 19.09 22.91 17.89
CA ILE A 280 18.67 21.52 17.90
C ILE A 280 19.49 20.73 18.93
N THR A 281 18.80 19.91 19.70
CA THR A 281 19.42 19.06 20.73
C THR A 281 19.27 17.60 20.34
N ARG A 282 19.71 16.72 21.23
CA ARG A 282 19.55 15.29 21.02
C ARG A 282 18.08 14.93 20.93
N THR A 283 17.67 14.48 19.74
CA THR A 283 16.25 14.26 19.48
C THR A 283 15.72 13.10 20.32
N ALA A 284 14.66 13.37 21.08
CA ALA A 284 14.05 12.35 21.92
C ALA A 284 13.30 11.34 21.06
N GLU A 285 12.66 10.38 21.72
CA GLU A 285 11.95 9.33 21.00
C GLU A 285 10.68 9.89 20.36
N GLU A 286 10.21 9.17 19.34
CA GLU A 286 9.06 9.55 18.51
C GLU A 286 9.04 11.05 18.21
N SER A 287 10.20 11.54 17.78
CA SER A 287 10.35 12.92 17.32
C SER A 287 11.42 12.95 16.24
N ALA A 288 11.44 14.04 15.47
CA ALA A 288 12.37 14.17 14.36
C ALA A 288 12.81 15.62 14.25
N ILE A 289 13.75 15.86 13.35
CA ILE A 289 14.19 17.22 13.05
C ILE A 289 13.05 17.98 12.38
N PRO A 290 12.76 19.22 12.79
CA PRO A 290 11.55 19.90 12.29
C PRO A 290 11.50 20.06 10.77
N CYS A 291 12.52 20.70 10.20
CA CYS A 291 12.52 21.03 8.78
C CYS A 291 13.96 21.12 8.28
N ASP A 292 14.11 21.49 7.02
CA ASP A 292 15.42 21.46 6.36
C ASP A 292 16.32 22.52 6.96
N LEU A 293 17.20 22.10 7.87
CA LEU A 293 18.11 22.98 8.57
C LEU A 293 19.50 22.88 7.94
N ILE A 294 20.35 23.85 8.26
CA ILE A 294 21.74 23.82 7.85
C ILE A 294 22.58 24.22 9.06
N LEU A 295 23.55 23.38 9.42
CA LEU A 295 24.40 23.67 10.57
C LEU A 295 25.17 24.98 10.37
N LEU A 296 25.02 25.89 11.32
CA LEU A 296 25.80 27.11 11.29
C LEU A 296 26.97 27.08 12.25
N ASP A 297 26.90 26.21 13.26
CA ASP A 297 27.94 26.01 14.25
C ASP A 297 27.56 24.78 15.06
N GLY A 298 28.53 23.89 15.27
CA GLY A 298 28.32 22.68 16.04
C GLY A 298 28.61 21.42 15.25
N SER A 299 28.10 20.31 15.77
CA SER A 299 28.25 19.02 15.12
C SER A 299 27.09 18.13 15.54
N ALA A 300 26.87 17.06 14.77
CA ALA A 300 25.77 16.14 15.06
C ALA A 300 26.04 14.81 14.38
N ILE A 301 25.25 13.82 14.76
CA ILE A 301 25.30 12.48 14.15
C ILE A 301 23.85 12.09 13.85
N VAL A 302 23.42 12.32 12.61
CA VAL A 302 22.04 12.05 12.24
C VAL A 302 21.89 10.60 11.79
N ASN A 303 20.66 10.12 11.68
CA ASN A 303 20.34 8.77 11.24
C ASN A 303 19.33 8.87 10.10
N GLU A 304 19.81 8.70 8.86
CA GLU A 304 18.99 8.89 7.67
C GLU A 304 18.19 7.65 7.30
N ALA A 305 17.95 6.74 8.24
CA ALA A 305 17.34 5.46 7.89
C ALA A 305 15.92 5.62 7.38
N MET A 306 15.20 6.64 7.85
CA MET A 306 13.81 6.80 7.43
C MET A 306 13.71 7.46 6.07
N LEU A 307 14.37 8.62 5.90
CA LEU A 307 14.25 9.37 4.66
C LEU A 307 15.12 8.78 3.56
N SER A 308 16.43 8.75 3.77
CA SER A 308 17.35 8.27 2.75
C SER A 308 17.35 6.76 2.62
N GLY A 309 17.25 6.04 3.74
CA GLY A 309 17.14 4.60 3.71
C GLY A 309 18.45 3.85 3.86
N GLU A 310 19.38 4.36 4.65
CA GLU A 310 20.65 3.68 4.88
C GLU A 310 20.86 3.45 6.37
N SER A 311 21.81 2.57 6.70
CA SER A 311 21.96 2.06 8.04
C SER A 311 22.93 2.87 8.88
N THR A 312 24.13 3.13 8.37
CA THR A 312 25.16 3.77 9.18
C THR A 312 24.75 5.20 9.53
N PRO A 313 25.04 5.66 10.75
CA PRO A 313 24.73 7.05 11.11
C PRO A 313 25.79 7.99 10.54
N LEU A 314 25.31 9.03 9.85
CA LEU A 314 26.20 9.99 9.23
C LEU A 314 26.64 11.04 10.24
N LEU A 315 27.81 11.63 9.97
CA LEU A 315 28.40 12.64 10.85
C LEU A 315 28.39 13.97 10.13
N LYS A 316 27.61 14.92 10.66
CA LYS A 316 27.48 16.25 10.09
C LYS A 316 28.44 17.21 10.78
N GLU A 317 28.83 18.25 10.05
CA GLU A 317 29.77 19.24 10.55
C GLU A 317 29.25 20.64 10.28
N SER A 318 29.94 21.62 10.84
CA SER A 318 29.52 23.01 10.77
C SER A 318 29.84 23.61 9.40
N ILE A 319 29.50 24.89 9.26
CA ILE A 319 29.75 25.65 8.04
C ILE A 319 30.62 26.86 8.28
N LYS A 320 31.08 27.07 9.51
CA LYS A 320 31.75 28.33 9.85
C LYS A 320 33.16 28.40 9.28
N LEU A 321 33.86 27.27 9.22
CA LEU A 321 35.28 27.30 8.86
C LEU A 321 35.50 27.66 7.39
N ARG A 322 34.50 27.46 6.55
CA ARG A 322 34.67 27.72 5.12
C ARG A 322 34.86 29.22 4.88
N PRO A 323 35.58 29.59 3.82
CA PRO A 323 35.74 31.02 3.49
C PRO A 323 34.38 31.66 3.24
N SER A 324 34.29 32.95 3.57
CA SER A 324 32.99 33.61 3.60
C SER A 324 32.64 34.27 2.29
N GLU A 325 33.59 34.95 1.66
CA GLU A 325 33.27 35.81 0.51
C GLU A 325 33.18 35.03 -0.80
N ASP A 326 34.27 34.36 -1.17
CA ASP A 326 34.37 33.81 -2.52
C ASP A 326 33.44 32.62 -2.71
N ASN A 327 33.52 31.63 -1.83
CA ASN A 327 32.86 30.36 -2.06
C ASN A 327 31.34 30.50 -2.10
N LEU A 328 30.71 29.62 -2.87
CA LEU A 328 29.27 29.59 -3.02
C LEU A 328 28.71 28.34 -2.34
N GLN A 329 27.53 28.48 -1.76
CA GLN A 329 26.85 27.36 -1.10
C GLN A 329 26.46 26.35 -2.17
N LEU A 330 27.15 25.20 -2.20
CA LEU A 330 27.12 24.30 -3.34
C LEU A 330 26.18 23.11 -3.17
N ASP A 331 26.00 22.60 -1.95
CA ASP A 331 25.29 21.34 -1.71
C ASP A 331 25.93 20.20 -2.48
N GLY A 332 27.22 20.34 -2.79
CA GLY A 332 28.05 19.30 -3.34
C GLY A 332 29.09 18.87 -2.32
N VAL A 333 30.29 19.45 -2.42
CA VAL A 333 31.30 19.28 -1.38
C VAL A 333 30.75 19.67 -0.02
N ASP A 334 29.79 20.59 0.03
CA ASP A 334 29.21 21.09 1.27
C ASP A 334 27.92 20.36 1.63
N LYS A 335 27.82 19.07 1.31
CA LYS A 335 26.68 18.27 1.73
C LYS A 335 26.79 17.78 3.16
N ILE A 336 27.97 17.91 3.79
CA ILE A 336 28.16 17.46 5.16
C ILE A 336 27.55 18.39 6.19
N ALA A 337 26.91 19.48 5.77
CA ALA A 337 26.34 20.43 6.71
C ALA A 337 24.82 20.48 6.68
N VAL A 338 24.18 19.85 5.69
CA VAL A 338 22.74 19.93 5.54
C VAL A 338 22.07 18.87 6.40
N LEU A 339 20.88 19.19 6.89
CA LEU A 339 20.09 18.32 7.77
C LEU A 339 18.65 18.34 7.27
N HIS A 340 18.17 17.21 6.76
CA HIS A 340 16.83 17.14 6.22
C HIS A 340 15.81 17.08 7.36
N GLY A 341 14.54 16.87 7.02
CA GLY A 341 13.51 16.79 8.03
C GLY A 341 12.84 15.44 8.04
N GLY A 342 12.93 14.74 9.17
CA GLY A 342 12.38 13.42 9.29
C GLY A 342 13.42 12.40 9.70
N THR A 343 14.57 12.88 10.17
CA THR A 343 15.67 12.05 10.64
C THR A 343 15.92 12.34 12.10
N LYS A 344 16.45 11.35 12.82
CA LYS A 344 16.72 11.52 14.24
C LYS A 344 18.19 11.86 14.46
N ALA A 345 18.45 12.75 15.41
CA ALA A 345 19.80 13.18 15.75
C ALA A 345 20.22 12.46 17.02
N LEU A 346 21.21 11.57 16.91
CA LEU A 346 21.59 10.73 18.04
C LEU A 346 22.45 11.50 19.04
N GLN A 347 23.27 12.43 18.57
CA GLN A 347 24.17 13.17 19.43
C GLN A 347 24.45 14.53 18.83
N VAL A 348 24.56 15.55 19.69
CA VAL A 348 24.88 16.90 19.26
C VAL A 348 25.86 17.52 20.25
N THR A 349 26.78 18.33 19.73
CA THR A 349 27.78 18.97 20.55
C THR A 349 27.61 20.49 20.48
N PRO A 350 27.70 21.18 21.62
CA PRO A 350 27.53 22.64 21.62
C PRO A 350 28.64 23.32 20.85
N PRO A 351 28.45 24.58 20.44
CA PRO A 351 29.52 25.29 19.73
C PRO A 351 30.75 25.47 20.62
N GLU A 352 31.91 25.48 19.98
CA GLU A 352 33.18 25.52 20.72
C GLU A 352 33.51 26.93 21.17
N HIS A 353 33.68 27.85 20.23
CA HIS A 353 34.07 29.22 20.54
C HIS A 353 32.86 30.15 20.46
N LYS A 354 33.08 31.38 20.90
CA LYS A 354 32.00 32.36 21.01
C LYS A 354 31.79 33.09 19.69
N SER A 355 30.55 33.47 19.45
CA SER A 355 30.15 34.23 18.26
C SER A 355 29.46 35.51 18.71
N ASP A 356 28.93 36.25 17.74
CA ASP A 356 28.22 37.49 18.05
C ASP A 356 26.85 37.26 18.66
N ILE A 357 26.41 36.01 18.79
CA ILE A 357 25.18 35.70 19.52
C ILE A 357 25.55 34.86 20.74
N PRO A 358 24.79 34.93 21.84
CA PRO A 358 25.08 34.09 22.98
C PRO A 358 24.78 32.63 22.67
N PRO A 359 25.45 31.70 23.32
CA PRO A 359 25.20 30.27 23.07
C PRO A 359 23.82 29.88 23.54
N PRO A 360 23.25 28.81 23.00
CA PRO A 360 21.89 28.45 23.36
C PRO A 360 21.81 28.05 24.82
N PRO A 361 20.64 28.22 25.45
CA PRO A 361 20.52 27.84 26.87
C PRO A 361 20.70 26.35 27.09
N ASP A 362 20.34 25.51 26.13
CA ASP A 362 20.58 24.08 26.22
C ASP A 362 22.02 23.78 25.82
N GLY A 363 22.32 22.51 25.59
CA GLY A 363 23.63 22.13 25.11
C GLY A 363 23.65 21.87 23.63
N GLY A 364 22.58 22.28 22.94
CA GLY A 364 22.44 22.02 21.53
C GLY A 364 23.33 22.89 20.68
N ALA A 365 23.29 22.63 19.37
CA ALA A 365 24.03 23.39 18.38
C ALA A 365 23.04 24.22 17.57
N LEU A 366 23.44 25.43 17.22
CA LEU A 366 22.57 26.32 16.47
C LEU A 366 22.74 26.07 14.99
N ALA A 367 21.65 26.29 14.24
CA ALA A 367 21.51 26.03 12.82
C ALA A 367 20.49 27.00 12.24
N ILE A 368 20.40 27.03 10.91
CA ILE A 368 19.55 27.96 10.18
C ILE A 368 18.46 27.16 9.48
N VAL A 369 17.23 27.67 9.51
CA VAL A 369 16.16 27.08 8.72
C VAL A 369 16.34 27.48 7.26
N THR A 370 15.96 26.59 6.34
CA THR A 370 15.98 26.90 4.92
C THR A 370 14.64 26.69 4.23
N LYS A 371 13.92 25.62 4.53
CA LYS A 371 12.62 25.35 3.94
C LYS A 371 11.67 24.83 5.00
N THR A 372 10.40 25.19 4.90
CA THR A 372 9.39 24.78 5.87
C THR A 372 8.14 24.31 5.14
N GLY A 373 7.37 23.46 5.82
CA GLY A 373 6.09 23.03 5.31
C GLY A 373 6.18 21.90 4.32
N PHE A 374 5.42 21.99 3.23
CA PHE A 374 5.44 20.99 2.18
C PHE A 374 6.53 21.21 1.15
N GLU A 375 7.30 22.30 1.27
CA GLU A 375 8.36 22.58 0.31
C GLU A 375 9.68 21.89 0.65
N THR A 376 9.77 21.22 1.80
CA THR A 376 10.98 20.46 2.13
C THR A 376 10.99 19.15 1.34
N SER A 377 12.02 18.33 1.57
CA SER A 377 12.18 17.11 0.79
C SER A 377 11.07 16.11 1.11
N GLN A 378 10.92 15.76 2.39
CA GLN A 378 9.86 14.83 2.79
C GLN A 378 8.48 15.37 2.41
N GLY A 379 8.25 16.65 2.67
CA GLY A 379 6.99 17.26 2.29
C GLY A 379 6.75 17.22 0.79
N SER A 380 7.80 17.45 0.00
CA SER A 380 7.64 17.42 -1.45
C SER A 380 7.30 16.02 -1.92
N LEU A 381 7.99 15.00 -1.40
CA LEU A 381 7.67 13.63 -1.77
C LEU A 381 6.22 13.29 -1.44
N VAL A 382 5.78 13.63 -0.22
CA VAL A 382 4.43 13.27 0.18
C VAL A 382 3.38 14.04 -0.63
N ARG A 383 3.65 15.31 -0.93
CA ARG A 383 2.69 16.09 -1.70
C ARG A 383 2.58 15.57 -3.13
N VAL A 384 3.72 15.27 -3.76
CA VAL A 384 3.68 14.72 -5.11
C VAL A 384 2.99 13.37 -5.12
N MET A 385 3.13 12.59 -4.05
CA MET A 385 2.39 11.33 -3.97
C MET A 385 0.90 11.58 -3.89
N ILE A 386 0.48 12.51 -3.02
CA ILE A 386 -0.94 12.70 -2.77
C ILE A 386 -1.65 13.28 -3.99
N TYR A 387 -1.15 14.42 -4.49
CA TYR A 387 -1.93 15.17 -5.47
C TYR A 387 -1.59 14.79 -6.91
N SER A 388 -0.33 14.52 -7.20
CA SER A 388 0.08 14.21 -8.58
C SER A 388 -0.25 12.78 -8.99
N ALA A 389 -1.12 12.10 -8.25
CA ALA A 389 -1.54 10.76 -8.62
C ALA A 389 -2.32 10.77 -9.93
N GLU A 390 -2.51 9.58 -10.48
CA GLU A 390 -3.24 9.43 -11.74
C GLU A 390 -4.73 9.74 -11.55
N ASP A 395 -10.62 -2.88 -13.75
CA ASP A 395 -10.80 -2.73 -15.20
C ASP A 395 -12.28 -2.58 -15.55
N ASN A 396 -13.13 -3.27 -14.81
CA ASN A 396 -14.59 -3.23 -14.87
C ASN A 396 -15.11 -3.86 -16.17
N LYS A 397 -14.24 -4.25 -17.11
CA LYS A 397 -14.71 -4.85 -18.35
C LYS A 397 -15.29 -6.23 -18.11
N GLU A 398 -14.82 -6.93 -17.08
CA GLU A 398 -15.41 -8.22 -16.73
C GLU A 398 -16.85 -8.06 -16.28
N ALA A 399 -17.10 -7.11 -15.38
CA ALA A 399 -18.47 -6.88 -14.93
C ALA A 399 -19.34 -6.37 -16.07
N LEU A 400 -18.78 -5.53 -16.95
CA LEU A 400 -19.57 -5.06 -18.09
C LEU A 400 -19.95 -6.21 -19.02
N MET A 401 -19.01 -7.10 -19.33
CA MET A 401 -19.31 -8.23 -20.19
C MET A 401 -20.30 -9.18 -19.53
N PHE A 402 -20.18 -9.36 -18.21
CA PHE A 402 -21.16 -10.18 -17.50
C PHE A 402 -22.56 -9.60 -17.61
N ILE A 403 -22.69 -8.28 -17.41
CA ILE A 403 -23.99 -7.64 -17.52
C ILE A 403 -24.54 -7.78 -18.93
N LEU A 404 -23.68 -7.62 -19.94
CA LEU A 404 -24.13 -7.74 -21.32
C LEU A 404 -24.58 -9.17 -21.64
N PHE A 405 -23.88 -10.15 -21.09
CA PHE A 405 -24.27 -11.55 -21.26
C PHE A 405 -25.65 -11.81 -20.68
N LEU A 406 -25.85 -11.38 -19.42
CA LEU A 406 -27.16 -11.53 -18.79
C LEU A 406 -28.25 -10.82 -19.60
N LEU A 407 -27.96 -9.63 -20.10
CA LEU A 407 -28.95 -8.87 -20.86
C LEU A 407 -29.27 -9.56 -22.17
N ILE A 408 -28.27 -10.15 -22.84
CA ILE A 408 -28.52 -10.85 -24.09
C ILE A 408 -29.47 -12.01 -23.86
N PHE A 409 -29.23 -12.80 -22.82
CA PHE A 409 -30.10 -13.95 -22.58
C PHE A 409 -31.50 -13.51 -22.15
N ALA A 410 -31.58 -12.45 -21.33
CA ALA A 410 -32.89 -11.93 -20.95
C ALA A 410 -33.66 -11.43 -22.16
N VAL A 411 -32.97 -10.79 -23.12
CA VAL A 411 -33.64 -10.28 -24.30
C VAL A 411 -34.13 -11.41 -25.19
N ILE A 412 -33.34 -12.49 -25.31
CA ILE A 412 -33.80 -13.65 -26.06
C ILE A 412 -35.08 -14.21 -25.45
N ALA A 413 -35.06 -14.44 -24.13
CA ALA A 413 -36.25 -14.97 -23.46
C ALA A 413 -37.43 -14.04 -23.61
N SER A 414 -37.19 -12.72 -23.53
CA SER A 414 -38.27 -11.75 -23.64
C SER A 414 -38.87 -11.75 -25.05
N TRP A 415 -38.03 -11.85 -26.07
CA TRP A 415 -38.54 -11.95 -27.43
C TRP A 415 -39.43 -13.18 -27.59
N TYR A 416 -38.98 -14.32 -27.07
CA TYR A 416 -39.80 -15.53 -27.18
C TYR A 416 -41.14 -15.36 -26.49
N VAL A 417 -41.12 -14.88 -25.24
CA VAL A 417 -42.37 -14.76 -24.50
C VAL A 417 -43.28 -13.73 -25.14
N TRP A 418 -42.72 -12.69 -25.77
CA TRP A 418 -43.54 -11.69 -26.44
C TRP A 418 -44.21 -12.27 -27.67
N VAL A 419 -43.47 -13.02 -28.49
CA VAL A 419 -44.07 -13.65 -29.65
C VAL A 419 -45.17 -14.62 -29.21
N GLU A 420 -44.90 -15.42 -28.19
CA GLU A 420 -45.91 -16.39 -27.76
C GLU A 420 -47.14 -15.69 -27.17
N GLY A 421 -46.94 -14.59 -26.45
CA GLY A 421 -48.08 -13.87 -25.90
C GLY A 421 -48.93 -13.25 -26.99
N THR A 422 -48.30 -12.57 -27.95
CA THR A 422 -49.07 -11.98 -29.04
C THR A 422 -49.69 -13.03 -29.95
N LYS A 423 -49.17 -14.27 -29.93
CA LYS A 423 -49.82 -15.34 -30.67
C LYS A 423 -51.01 -15.90 -29.92
N MET A 424 -50.91 -16.00 -28.59
CA MET A 424 -52.02 -16.51 -27.80
C MET A 424 -53.19 -15.53 -27.75
N GLY A 425 -52.91 -14.23 -27.73
CA GLY A 425 -53.96 -13.24 -27.74
C GLY A 425 -54.15 -12.50 -26.44
N ARG A 426 -53.06 -12.31 -25.69
CA ARG A 426 -53.13 -11.57 -24.44
C ARG A 426 -52.94 -10.07 -24.69
N ILE A 427 -53.32 -9.28 -23.69
CA ILE A 427 -53.18 -7.83 -23.80
C ILE A 427 -51.71 -7.43 -23.68
N GLN A 428 -51.39 -6.23 -24.15
CA GLN A 428 -50.02 -5.76 -24.14
C GLN A 428 -49.53 -5.49 -22.72
N SER A 429 -50.42 -5.12 -21.81
CA SER A 429 -50.01 -4.80 -20.44
C SER A 429 -49.42 -6.03 -19.75
N LYS A 430 -50.07 -7.18 -19.88
CA LYS A 430 -49.58 -8.39 -19.21
C LYS A 430 -48.27 -8.85 -19.83
N LEU A 431 -48.13 -8.72 -21.16
CA LEU A 431 -46.87 -9.08 -21.79
C LEU A 431 -45.74 -8.18 -21.31
N ILE A 432 -46.02 -6.88 -21.18
CA ILE A 432 -45.01 -5.96 -20.66
C ILE A 432 -44.66 -6.33 -19.22
N LEU A 433 -45.65 -6.72 -18.43
CA LEU A 433 -45.38 -7.11 -17.06
C LEU A 433 -44.50 -8.36 -16.98
N ASP A 434 -44.74 -9.33 -17.87
CA ASP A 434 -43.91 -10.52 -17.89
C ASP A 434 -42.49 -10.20 -18.32
N CYS A 435 -42.33 -9.37 -19.36
CA CYS A 435 -41.00 -9.01 -19.82
C CYS A 435 -40.27 -8.17 -18.77
N ILE A 436 -41.00 -7.45 -17.93
CA ILE A 436 -40.37 -6.73 -16.83
C ILE A 436 -39.97 -7.70 -15.72
N LEU A 437 -40.81 -8.70 -15.46
CA LEU A 437 -40.49 -9.67 -14.40
C LEU A 437 -39.25 -10.47 -14.74
N ILE A 438 -39.06 -10.79 -16.02
CA ILE A 438 -37.88 -11.56 -16.41
C ILE A 438 -36.60 -10.79 -16.05
N ILE A 439 -36.51 -9.53 -16.51
CA ILE A 439 -35.34 -8.71 -16.24
C ILE A 439 -35.22 -8.36 -14.76
N THR A 440 -36.34 -8.35 -14.02
CA THR A 440 -36.25 -8.10 -12.58
C THR A 440 -35.69 -9.30 -11.85
N SER A 441 -36.04 -10.52 -12.30
CA SER A 441 -35.59 -11.74 -11.66
C SER A 441 -34.33 -12.31 -12.29
N VAL A 442 -33.69 -11.58 -13.22
CA VAL A 442 -32.43 -12.04 -13.78
C VAL A 442 -31.35 -12.20 -12.72
N VAL A 443 -31.47 -11.52 -11.59
CA VAL A 443 -30.46 -11.56 -10.54
C VAL A 443 -31.15 -11.86 -9.20
N PRO A 444 -30.55 -12.69 -8.34
CA PRO A 444 -31.18 -12.98 -7.06
C PRO A 444 -31.26 -11.73 -6.20
N PRO A 445 -32.26 -11.66 -5.31
CA PRO A 445 -32.38 -10.45 -4.47
C PRO A 445 -31.35 -10.38 -3.35
N GLU A 446 -30.79 -11.52 -2.95
CA GLU A 446 -29.85 -11.56 -1.83
C GLU A 446 -28.41 -11.33 -2.25
N LEU A 447 -28.18 -10.71 -3.40
CA LEU A 447 -26.80 -10.41 -3.81
C LEU A 447 -26.15 -9.31 -2.99
N PRO A 448 -26.81 -8.18 -2.68
CA PRO A 448 -26.14 -7.17 -1.85
C PRO A 448 -25.74 -7.67 -0.48
N MET A 449 -26.63 -8.39 0.22
CA MET A 449 -26.27 -8.93 1.52
C MET A 449 -25.11 -9.90 1.43
N GLU A 450 -25.09 -10.72 0.38
CA GLU A 450 -23.99 -11.66 0.20
C GLU A 450 -22.67 -10.93 -0.01
N LEU A 451 -22.66 -9.92 -0.87
CA LEU A 451 -21.43 -9.17 -1.12
C LEU A 451 -20.94 -8.46 0.14
N THR A 452 -21.86 -7.84 0.88
CA THR A 452 -21.48 -7.15 2.11
C THR A 452 -20.94 -8.12 3.13
N MET A 453 -21.58 -9.28 3.28
CA MET A 453 -21.09 -10.28 4.23
C MET A 453 -19.70 -10.77 3.84
N ALA A 454 -19.46 -10.99 2.54
CA ALA A 454 -18.15 -11.43 2.10
C ALA A 454 -17.08 -10.39 2.41
N VAL A 455 -17.35 -9.13 2.07
CA VAL A 455 -16.37 -8.08 2.30
C VAL A 455 -16.08 -7.92 3.79
N ASN A 456 -17.13 -7.91 4.62
CA ASN A 456 -16.92 -7.73 6.06
C ASN A 456 -16.20 -8.93 6.66
N SER A 457 -16.47 -10.14 6.18
CA SER A 457 -15.77 -11.31 6.69
C SER A 457 -14.30 -11.26 6.33
N SER A 458 -13.98 -10.88 5.09
CA SER A 458 -12.58 -10.76 4.70
C SER A 458 -11.87 -9.70 5.55
N LEU A 459 -12.52 -8.56 5.76
CA LEU A 459 -11.88 -7.49 6.54
C LEU A 459 -11.67 -7.92 7.99
N ALA A 460 -12.68 -8.54 8.60
CA ALA A 460 -12.55 -8.95 10.00
C ALA A 460 -11.65 -10.16 10.18
N ALA A 461 -11.38 -10.90 9.11
CA ALA A 461 -10.38 -11.95 9.19
C ALA A 461 -8.97 -11.42 9.01
N LEU A 462 -8.81 -10.37 8.20
CA LEU A 462 -7.51 -9.72 8.07
C LEU A 462 -7.15 -8.99 9.36
N ALA A 463 -8.10 -8.29 9.96
CA ALA A 463 -7.81 -7.41 11.10
C ALA A 463 -7.44 -8.17 12.36
N LYS A 464 -7.28 -9.49 12.38
CA LYS A 464 -6.82 -10.17 13.59
C LYS A 464 -5.31 -10.27 13.67
N PHE A 465 -4.60 -9.99 12.58
CA PHE A 465 -3.16 -9.78 12.59
C PHE A 465 -2.80 -8.30 12.58
N TYR A 466 -3.77 -7.44 12.90
CA TYR A 466 -3.58 -5.98 12.90
C TYR A 466 -3.16 -5.49 11.51
N VAL A 467 -3.89 -5.93 10.50
CA VAL A 467 -3.65 -5.52 9.12
C VAL A 467 -4.90 -4.78 8.66
N TYR A 468 -4.88 -3.45 8.79
CA TYR A 468 -6.05 -2.64 8.47
C TYR A 468 -5.97 -2.15 7.03
N CYS A 469 -7.06 -2.33 6.29
CA CYS A 469 -7.10 -2.01 4.86
C CYS A 469 -8.10 -0.88 4.62
N THR A 470 -7.72 0.06 3.76
CA THR A 470 -8.57 1.20 3.44
C THR A 470 -9.19 1.13 2.05
N GLU A 471 -8.82 0.14 1.23
CA GLU A 471 -9.42 -0.07 -0.08
C GLU A 471 -9.72 -1.55 -0.22
N PRO A 472 -10.94 -1.98 0.14
CA PRO A 472 -11.23 -3.42 0.19
C PRO A 472 -11.32 -4.08 -1.18
N PHE A 473 -11.27 -3.33 -2.27
CA PHE A 473 -11.35 -3.93 -3.60
C PHE A 473 -9.98 -4.36 -4.12
N ARG A 474 -8.94 -4.29 -3.30
CA ARG A 474 -7.61 -4.76 -3.68
C ARG A 474 -7.26 -6.10 -3.05
N ILE A 475 -8.17 -6.67 -2.26
CA ILE A 475 -7.94 -7.98 -1.65
C ILE A 475 -7.97 -9.07 -2.72
N PRO A 476 -8.88 -9.05 -3.69
CA PRO A 476 -8.77 -10.03 -4.79
C PRO A 476 -7.50 -9.86 -5.62
N PHE A 477 -6.82 -8.72 -5.54
CA PHE A 477 -5.59 -8.53 -6.30
C PHE A 477 -4.43 -9.37 -5.76
N ALA A 478 -4.48 -9.75 -4.48
CA ALA A 478 -3.39 -10.49 -3.86
C ALA A 478 -3.43 -11.98 -4.18
N GLY A 479 -4.32 -12.42 -5.08
CA GLY A 479 -4.40 -13.83 -5.39
C GLY A 479 -3.41 -14.26 -6.46
N ARG A 480 -3.22 -13.41 -7.47
CA ARG A 480 -2.38 -13.73 -8.62
C ARG A 480 -1.11 -12.87 -8.65
N ILE A 481 -0.50 -12.64 -7.48
CA ILE A 481 0.72 -11.84 -7.41
C ILE A 481 1.86 -12.61 -8.06
N ASP A 482 2.58 -11.93 -8.96
CA ASP A 482 3.69 -12.54 -9.68
C ASP A 482 5.07 -12.07 -9.23
N VAL A 483 5.17 -10.86 -8.71
CA VAL A 483 6.44 -10.29 -8.26
C VAL A 483 6.23 -9.63 -6.91
N CYS A 484 7.05 -9.98 -5.93
CA CYS A 484 6.98 -9.42 -4.60
C CYS A 484 8.24 -8.62 -4.31
N CYS A 485 8.12 -7.30 -4.30
CA CYS A 485 9.24 -6.40 -4.04
C CYS A 485 9.40 -6.19 -2.54
N PHE A 486 10.62 -5.83 -2.13
CA PHE A 486 10.92 -5.64 -0.72
C PHE A 486 11.88 -4.47 -0.54
N ASP A 487 11.82 -3.87 0.64
CA ASP A 487 12.75 -2.82 1.06
C ASP A 487 13.63 -3.38 2.16
N LYS A 488 14.90 -2.98 2.19
CA LYS A 488 15.84 -3.61 3.10
C LYS A 488 15.78 -3.01 4.51
N THR A 489 16.10 -1.73 4.64
CA THR A 489 16.26 -1.13 5.96
C THR A 489 14.90 -0.75 6.53
N GLY A 490 14.58 -1.29 7.71
CA GLY A 490 13.33 -1.06 8.39
C GLY A 490 12.29 -2.12 8.13
N THR A 491 12.37 -2.81 6.99
CA THR A 491 11.42 -3.85 6.63
C THR A 491 11.98 -5.25 6.90
N LEU A 492 13.12 -5.56 6.32
CA LEU A 492 13.74 -6.87 6.53
C LEU A 492 14.74 -6.86 7.69
N THR A 493 15.39 -5.73 7.95
CA THR A 493 16.35 -5.63 9.03
C THR A 493 16.00 -4.42 9.90
N GLY A 494 16.49 -4.44 11.14
CA GLY A 494 16.37 -3.28 11.99
C GLY A 494 17.20 -2.12 11.48
N GLU A 495 16.93 -0.94 12.02
CA GLU A 495 17.59 0.27 11.57
C GLU A 495 18.68 0.77 12.52
N ASP A 496 19.00 0.01 13.57
CA ASP A 496 20.06 0.38 14.48
C ASP A 496 21.19 -0.64 14.42
N LEU A 497 22.40 -0.17 14.69
CA LEU A 497 23.56 -1.06 14.76
C LEU A 497 23.63 -1.72 16.13
N VAL A 498 23.85 -3.02 16.13
CA VAL A 498 23.98 -3.78 17.37
C VAL A 498 25.34 -4.44 17.41
N PHE A 499 25.88 -4.58 18.62
CA PHE A 499 27.20 -5.17 18.81
C PHE A 499 27.11 -6.67 18.58
N GLU A 500 27.98 -7.19 17.72
CA GLU A 500 27.98 -8.62 17.39
C GLU A 500 29.06 -9.40 18.11
N GLY A 501 30.20 -8.77 18.37
CA GLY A 501 31.28 -9.46 19.08
C GLY A 501 32.64 -9.13 18.51
N LEU A 502 33.69 -9.54 19.21
CA LEU A 502 35.04 -9.27 18.76
C LEU A 502 35.36 -10.09 17.51
N ALA A 503 36.60 -9.93 17.03
CA ALA A 503 37.14 -10.69 15.93
C ALA A 503 38.61 -10.33 15.79
N GLY A 504 39.39 -11.25 15.23
CA GLY A 504 40.74 -10.95 14.83
C GLY A 504 41.79 -11.00 15.92
N ILE A 505 41.41 -11.14 17.19
CA ILE A 505 42.40 -11.18 18.27
C ILE A 505 42.82 -12.65 18.41
N SER A 506 43.75 -13.05 17.55
CA SER A 506 44.32 -14.39 17.50
C SER A 506 45.50 -14.36 16.55
N ALA A 507 46.26 -15.46 16.54
CA ALA A 507 47.37 -15.60 15.62
C ALA A 507 47.48 -17.00 15.04
N ASP A 508 46.45 -17.84 15.18
CA ASP A 508 46.51 -19.22 14.72
C ASP A 508 46.08 -19.40 13.27
N SER A 509 45.33 -18.45 12.72
CA SER A 509 44.90 -18.49 11.31
C SER A 509 44.10 -19.75 10.99
N GLU A 510 43.41 -20.31 11.99
CA GLU A 510 42.61 -21.50 11.75
C GLU A 510 41.27 -21.16 11.10
N ASN A 511 40.76 -19.96 11.33
CA ASN A 511 39.51 -19.52 10.71
C ASN A 511 39.44 -18.01 10.79
N ILE A 512 39.17 -17.37 9.65
CA ILE A 512 39.11 -15.91 9.61
C ILE A 512 37.86 -15.40 10.30
N ARG A 513 36.69 -15.83 9.82
CA ARG A 513 35.41 -15.38 10.36
C ARG A 513 35.19 -16.07 11.70
N HIS A 514 35.66 -15.43 12.77
CA HIS A 514 35.47 -15.95 14.13
C HIS A 514 35.11 -14.80 15.05
N LEU A 515 34.01 -14.97 15.78
CA LEU A 515 33.46 -13.92 16.64
C LEU A 515 33.46 -14.40 18.08
N TYR A 516 34.34 -13.85 18.90
CA TYR A 516 34.30 -14.06 20.35
C TYR A 516 33.12 -13.27 20.89
N SER A 517 31.95 -13.94 20.87
CA SER A 517 30.66 -13.28 21.02
C SER A 517 30.62 -12.22 22.13
N ALA A 518 30.89 -12.62 23.36
CA ALA A 518 30.85 -11.68 24.49
C ALA A 518 31.55 -12.29 25.69
N ALA A 519 32.26 -11.44 26.43
CA ALA A 519 32.89 -11.79 27.70
C ALA A 519 33.90 -12.92 27.58
N GLU A 520 34.40 -13.19 26.37
CA GLU A 520 35.43 -14.20 26.16
C GLU A 520 36.76 -13.57 25.78
N ALA A 521 36.92 -12.28 25.98
CA ALA A 521 38.14 -11.58 25.62
C ALA A 521 39.22 -11.75 26.68
N PRO A 522 40.48 -11.53 26.33
CA PRO A 522 41.52 -11.46 27.36
C PRO A 522 41.40 -10.21 28.20
N GLU A 523 42.31 -10.01 29.15
CA GLU A 523 42.22 -8.85 30.02
C GLU A 523 42.44 -7.56 29.25
N SER A 524 43.35 -7.58 28.27
CA SER A 524 43.69 -6.37 27.54
C SER A 524 42.48 -5.83 26.77
N THR A 525 41.73 -6.70 26.11
CA THR A 525 40.61 -6.23 25.30
C THR A 525 39.48 -5.69 26.17
N ILE A 526 39.17 -6.37 27.28
CA ILE A 526 38.12 -5.88 28.15
C ILE A 526 38.54 -4.61 28.88
N LEU A 527 39.84 -4.40 29.05
CA LEU A 527 40.30 -3.12 29.58
C LEU A 527 40.17 -2.01 28.53
N VAL A 528 40.51 -2.31 27.28
CA VAL A 528 40.55 -1.28 26.25
C VAL A 528 39.13 -0.87 25.85
N ILE A 529 38.21 -1.83 25.75
CA ILE A 529 36.85 -1.49 25.36
C ILE A 529 36.22 -0.54 26.35
N GLY A 530 36.66 -0.58 27.60
CA GLY A 530 36.09 0.27 28.63
C GLY A 530 36.89 1.53 28.91
N ALA A 531 38.16 1.54 28.50
CA ALA A 531 38.98 2.72 28.70
C ALA A 531 38.83 3.74 27.59
N ALA A 532 38.52 3.30 26.36
CA ALA A 532 38.47 4.18 25.20
C ALA A 532 37.02 4.46 24.83
N HIS A 533 36.45 5.47 25.47
CA HIS A 533 35.09 5.90 25.15
C HIS A 533 34.94 7.38 25.52
N ALA A 534 33.78 7.93 25.20
CA ALA A 534 33.50 9.34 25.45
C ALA A 534 32.24 9.56 26.28
N LEU A 535 31.66 8.50 26.84
CA LEU A 535 30.48 8.65 27.68
C LEU A 535 30.85 9.30 29.01
N VAL A 536 29.83 9.90 29.64
CA VAL A 536 30.01 10.55 30.93
C VAL A 536 28.65 10.63 31.61
N LYS A 537 28.64 10.45 32.93
CA LYS A 537 27.42 10.46 33.71
C LYS A 537 27.23 11.84 34.32
N LEU A 538 26.02 12.38 34.20
CA LEU A 538 25.71 13.72 34.69
C LEU A 538 25.44 13.69 36.20
N GLU A 539 25.13 14.87 36.75
CA GLU A 539 24.89 14.98 38.19
C GLU A 539 23.49 14.49 38.55
N ASP A 540 22.47 14.91 37.82
CA ASP A 540 21.10 14.48 38.10
C ASP A 540 20.86 13.01 37.75
N GLY A 541 21.79 12.37 37.05
CA GLY A 541 21.65 10.98 36.69
C GLY A 541 21.24 10.79 35.25
N ASP A 542 22.21 10.53 34.38
CA ASP A 542 22.01 10.32 32.96
C ASP A 542 23.37 9.97 32.35
N ILE A 543 23.34 9.53 31.09
CA ILE A 543 24.55 9.22 30.35
C ILE A 543 24.39 9.74 28.93
N VAL A 544 25.43 10.41 28.42
CA VAL A 544 25.41 10.99 27.09
C VAL A 544 26.55 10.40 26.28
N GLY A 545 26.35 10.31 24.99
CA GLY A 545 27.37 9.79 24.10
C GLY A 545 26.75 9.04 22.93
N ASP A 546 27.62 8.65 22.00
CA ASP A 546 27.18 7.89 20.84
C ASP A 546 26.48 6.61 21.29
N PRO A 547 25.24 6.37 20.85
CA PRO A 547 24.52 5.19 21.32
C PRO A 547 25.21 3.88 20.99
N MET A 548 26.03 3.82 19.93
CA MET A 548 26.79 2.60 19.66
C MET A 548 27.86 2.38 20.71
N GLU A 549 28.52 3.45 21.15
CA GLU A 549 29.48 3.34 22.23
C GLU A 549 28.81 2.84 23.51
N LYS A 550 27.63 3.36 23.82
CA LYS A 550 26.87 2.89 24.96
C LYS A 550 26.48 1.42 24.80
N ALA A 551 26.13 1.02 23.57
CA ALA A 551 25.72 -0.35 23.32
C ALA A 551 26.87 -1.32 23.57
N THR A 552 28.05 -1.00 23.05
CA THR A 552 29.18 -1.90 23.26
C THR A 552 29.65 -1.88 24.71
N LEU A 553 29.59 -0.71 25.36
CA LEU A 553 29.98 -0.62 26.76
C LEU A 553 29.03 -1.41 27.65
N LYS A 554 27.77 -1.53 27.26
CA LYS A 554 26.83 -2.36 28.01
C LYS A 554 27.00 -3.84 27.69
N ALA A 555 27.24 -4.16 26.41
CA ALA A 555 27.36 -5.56 26.01
C ALA A 555 28.59 -6.21 26.63
N VAL A 556 29.71 -5.50 26.67
CA VAL A 556 30.87 -6.04 27.37
C VAL A 556 30.62 -6.06 28.88
N GLY A 557 29.78 -5.16 29.38
CA GLY A 557 29.43 -5.15 30.77
C GLY A 557 30.20 -4.14 31.61
N TRP A 558 30.31 -2.91 31.11
CA TRP A 558 30.95 -1.83 31.84
C TRP A 558 29.90 -0.85 32.35
N ALA A 559 30.20 -0.22 33.48
CA ALA A 559 29.30 0.73 34.11
C ALA A 559 30.05 2.01 34.41
N VAL A 560 29.53 3.13 33.91
CA VAL A 560 30.14 4.44 34.10
C VAL A 560 29.48 5.14 35.27
N GLU A 561 30.28 5.84 36.07
CA GLU A 561 29.81 6.60 37.21
C GLU A 561 29.91 8.09 36.91
N ARG A 562 29.52 8.90 37.90
CA ARG A 562 29.59 10.36 37.74
C ARG A 562 31.02 10.80 37.51
N LYS A 563 31.92 10.43 38.40
CA LYS A 563 33.35 10.58 38.15
C LYS A 563 33.72 9.74 36.93
N ASN A 564 34.66 10.25 36.12
CA ASN A 564 35.04 9.59 34.88
C ASN A 564 35.47 8.14 35.10
N SER A 565 35.82 7.76 36.32
CA SER A 565 36.17 6.36 36.59
C SER A 565 34.95 5.46 36.40
N ASN A 566 35.14 4.39 35.66
CA ASN A 566 34.10 3.38 35.45
C ASN A 566 34.51 2.08 36.14
N TYR A 567 33.54 1.41 36.74
CA TYR A 567 33.83 0.25 37.56
C TYR A 567 32.57 -0.62 37.61
N ARG A 568 32.52 -1.54 38.57
CA ARG A 568 31.38 -2.43 38.76
C ARG A 568 31.14 -3.29 37.53
N GLU A 569 32.21 -3.63 36.80
CA GLU A 569 32.11 -4.54 35.67
C GLU A 569 32.13 -6.00 36.11
N GLY A 570 32.60 -6.29 37.33
CA GLY A 570 32.72 -7.65 37.81
C GLY A 570 34.13 -8.10 38.08
N THR A 571 35.15 -7.28 37.77
CA THR A 571 36.53 -7.66 37.98
C THR A 571 37.29 -6.61 38.77
N GLY A 572 36.90 -5.35 38.65
CA GLY A 572 37.59 -4.29 39.36
C GLY A 572 37.14 -2.92 38.87
N LYS A 573 38.01 -1.94 39.06
CA LYS A 573 37.74 -0.55 38.74
C LYS A 573 38.71 -0.05 37.67
N LEU A 574 38.45 1.16 37.19
CA LEU A 574 39.24 1.78 36.13
C LEU A 574 38.86 3.25 36.04
N ASP A 575 39.87 4.11 35.88
CA ASP A 575 39.65 5.55 35.78
C ASP A 575 40.33 6.10 34.54
N ILE A 576 39.80 7.22 34.04
CA ILE A 576 40.29 7.86 32.84
C ILE A 576 40.92 9.20 33.23
N ILE A 577 42.11 9.47 32.71
CA ILE A 577 42.82 10.70 33.01
C ILE A 577 42.38 11.79 32.04
N ARG A 578 42.60 11.57 30.75
CA ARG A 578 42.26 12.55 29.73
C ARG A 578 41.84 11.83 28.46
N ARG A 579 40.88 12.42 27.75
CA ARG A 579 40.35 11.87 26.52
C ARG A 579 40.48 12.88 25.40
N PHE A 580 40.54 12.38 24.16
CA PHE A 580 40.67 13.21 22.97
C PHE A 580 39.38 13.16 22.16
N GLN A 581 39.35 13.99 21.13
CA GLN A 581 38.16 14.13 20.28
C GLN A 581 38.29 13.26 19.03
N PHE A 582 37.17 13.15 18.31
CA PHE A 582 37.10 12.40 17.06
C PHE A 582 36.95 13.40 15.92
N SER A 583 38.03 13.60 15.17
CA SER A 583 37.99 14.51 14.03
C SER A 583 37.47 13.79 12.79
N SER A 584 36.84 14.56 11.90
CA SER A 584 36.37 14.01 10.64
C SER A 584 37.52 13.47 9.81
N ALA A 585 38.59 14.25 9.68
CA ALA A 585 39.81 13.74 9.07
C ALA A 585 40.62 12.98 10.12
N LEU A 586 41.51 12.11 9.61
CA LEU A 586 42.29 11.18 10.45
C LEU A 586 41.40 10.53 11.50
N LYS A 587 40.28 9.97 11.03
CA LYS A 587 39.23 9.48 11.90
C LYS A 587 39.72 8.45 12.91
N ARG A 588 39.73 8.81 14.17
CA ARG A 588 40.11 7.93 15.28
C ARG A 588 39.87 8.67 16.57
N SER A 589 40.09 7.98 17.69
CA SER A 589 39.94 8.56 19.01
C SER A 589 41.12 8.08 19.86
N ALA A 590 41.06 8.35 21.16
CA ALA A 590 42.10 7.95 22.09
C ALA A 590 41.60 8.18 23.50
N SER A 591 42.41 7.75 24.47
CA SER A 591 42.13 7.96 25.89
C SER A 591 43.35 7.54 26.69
N ILE A 592 43.50 8.15 27.86
CA ILE A 592 44.59 7.86 28.78
C ILE A 592 43.96 7.40 30.08
N ALA A 593 44.10 6.11 30.40
CA ALA A 593 43.48 5.53 31.57
C ALA A 593 44.54 5.07 32.57
N SER A 594 44.07 4.62 33.72
CA SER A 594 44.95 4.12 34.77
C SER A 594 44.28 2.95 35.47
N HIS A 595 45.10 2.07 36.04
CA HIS A 595 44.63 0.88 36.74
C HIS A 595 45.36 0.76 38.06
N ASN A 596 44.96 -0.22 38.87
CA ASN A 596 45.63 -0.47 40.14
C ASN A 596 47.07 -0.92 39.93
N ASP A 597 47.36 -1.58 38.82
CA ASP A 597 48.70 -2.08 38.56
C ASP A 597 49.59 -0.98 37.98
N ALA A 598 49.23 -0.45 36.81
CA ALA A 598 50.05 0.53 36.12
C ALA A 598 49.14 1.46 35.32
N LEU A 599 49.74 2.21 34.40
CA LEU A 599 49.04 3.17 33.57
C LEU A 599 49.18 2.76 32.11
N PHE A 600 48.10 2.88 31.35
CA PHE A 600 48.09 2.55 29.93
C PHE A 600 47.33 3.62 29.16
N ALA A 601 47.28 3.48 27.84
CA ALA A 601 46.58 4.41 26.98
C ALA A 601 45.83 3.63 25.91
N ALA A 602 44.51 3.78 25.86
CA ALA A 602 43.68 3.06 24.91
C ALA A 602 43.38 3.93 23.70
N VAL A 603 43.39 3.31 22.53
CA VAL A 603 43.14 3.99 21.26
C VAL A 603 42.14 3.15 20.46
N LYS A 604 41.13 3.81 19.89
CA LYS A 604 40.10 3.12 19.11
C LYS A 604 39.76 3.98 17.91
N GLY A 605 40.08 3.50 16.71
CA GLY A 605 39.75 4.21 15.51
C GLY A 605 39.53 3.31 14.31
N ALA A 606 39.42 3.90 13.13
CA ALA A 606 39.27 3.11 11.91
C ALA A 606 40.44 2.14 11.75
N PRO A 607 40.22 0.97 11.16
CA PRO A 607 41.29 -0.04 11.13
C PRO A 607 42.46 0.34 10.26
N GLU A 608 42.21 0.98 9.12
CA GLU A 608 43.29 1.29 8.19
C GLU A 608 44.24 2.34 8.76
N THR A 609 43.71 3.32 9.50
CA THR A 609 44.57 4.35 10.07
C THR A 609 45.33 3.82 11.28
N ILE A 610 44.70 2.94 12.07
CA ILE A 610 45.39 2.36 13.22
C ILE A 610 46.48 1.40 12.75
N ARG A 611 46.27 0.76 11.59
CA ARG A 611 47.22 -0.24 11.10
C ARG A 611 48.62 0.36 10.93
N GLU A 612 48.70 1.55 10.33
CA GLU A 612 50.00 2.17 10.12
C GLU A 612 50.60 2.66 11.44
N ARG A 613 49.79 2.71 12.50
CA ARG A 613 50.27 3.27 13.76
C ARG A 613 51.06 2.25 14.56
N LEU A 614 50.49 1.07 14.82
CA LEU A 614 51.15 0.10 15.68
C LEU A 614 52.33 -0.54 14.96
N SER A 615 53.30 -1.02 15.74
CA SER A 615 54.51 -1.60 15.18
C SER A 615 54.31 -3.06 14.81
N ASP A 616 53.91 -3.88 15.79
CA ASP A 616 53.73 -5.31 15.55
C ASP A 616 52.48 -5.55 14.71
N ILE A 617 52.66 -5.63 13.39
CA ILE A 617 51.55 -5.89 12.47
C ILE A 617 51.20 -7.37 12.51
N PRO A 618 49.97 -7.72 12.90
CA PRO A 618 49.57 -9.14 12.88
C PRO A 618 49.54 -9.70 11.47
N LYS A 619 49.29 -11.00 11.35
CA LYS A 619 49.32 -11.65 10.04
C LYS A 619 47.97 -11.63 9.35
N ASN A 620 46.88 -11.74 10.10
CA ASN A 620 45.54 -11.79 9.53
C ASN A 620 44.79 -10.47 9.63
N TYR A 621 45.49 -9.38 9.94
CA TYR A 621 44.85 -8.07 10.05
C TYR A 621 44.09 -7.72 8.79
N ASP A 622 44.79 -7.66 7.66
CA ASP A 622 44.17 -7.25 6.40
C ASP A 622 43.10 -8.23 5.95
N GLU A 623 43.36 -9.53 6.12
CA GLU A 623 42.39 -10.53 5.69
C GLU A 623 41.09 -10.40 6.48
N ILE A 624 41.19 -10.25 7.80
CA ILE A 624 39.98 -10.14 8.62
C ILE A 624 39.25 -8.83 8.34
N TYR A 625 40.00 -7.74 8.19
CA TYR A 625 39.38 -6.45 7.88
C TYR A 625 38.59 -6.53 6.57
N LYS A 626 39.22 -7.05 5.51
CA LYS A 626 38.55 -7.12 4.23
C LYS A 626 37.47 -8.18 4.18
N SER A 627 37.52 -9.18 5.07
CA SER A 627 36.47 -10.18 5.10
C SER A 627 35.24 -9.70 5.86
N PHE A 628 35.42 -8.83 6.86
CA PHE A 628 34.29 -8.31 7.61
C PHE A 628 33.77 -6.99 7.08
N THR A 629 34.51 -6.31 6.21
CA THR A 629 34.03 -5.06 5.65
C THR A 629 33.33 -5.23 4.31
N ARG A 630 33.70 -6.26 3.54
CA ARG A 630 33.06 -6.49 2.25
C ARG A 630 31.65 -7.06 2.40
N SER A 631 31.18 -7.35 3.61
CA SER A 631 29.82 -7.82 3.83
C SER A 631 29.19 -7.00 4.96
N GLY A 632 28.67 -5.83 4.63
CA GLY A 632 27.82 -5.09 5.54
C GLY A 632 28.47 -4.47 6.75
N SER A 633 29.15 -5.28 7.56
CA SER A 633 29.58 -4.87 8.89
C SER A 633 30.48 -3.64 8.83
N ARG A 634 30.50 -2.90 9.94
CA ARG A 634 31.32 -1.70 10.10
C ARG A 634 32.29 -1.95 11.25
N VAL A 635 33.53 -2.28 10.93
CA VAL A 635 34.51 -2.69 11.94
C VAL A 635 35.10 -1.46 12.60
N LEU A 636 35.68 -1.67 13.79
CA LEU A 636 36.42 -0.65 14.51
C LEU A 636 37.58 -1.34 15.21
N ALA A 637 38.81 -0.99 14.82
CA ALA A 637 39.99 -1.64 15.35
C ALA A 637 40.57 -0.80 16.49
N LEU A 638 40.66 -1.39 17.67
CA LEU A 638 41.18 -0.73 18.85
C LEU A 638 42.55 -1.28 19.23
N ALA A 639 43.35 -0.43 19.86
CA ALA A 639 44.70 -0.79 20.26
C ALA A 639 45.07 -0.02 21.52
N SER A 640 46.15 -0.45 22.16
CA SER A 640 46.60 0.17 23.40
C SER A 640 48.12 0.23 23.43
N LYS A 641 48.65 0.74 24.54
CA LYS A 641 50.09 0.85 24.75
C LYS A 641 50.35 1.11 26.22
N SER A 642 51.38 0.47 26.77
CA SER A 642 51.78 0.70 28.15
C SER A 642 52.51 2.03 28.25
N LEU A 643 52.14 2.83 29.24
CA LEU A 643 52.70 4.17 29.42
C LEU A 643 53.08 4.36 30.89
N PRO A 644 54.37 4.43 31.21
CA PRO A 644 54.77 4.70 32.59
C PRO A 644 54.66 6.18 32.92
N LYS A 645 54.52 6.45 34.22
CA LYS A 645 54.37 7.82 34.71
C LYS A 645 55.67 8.60 34.53
N ASP A 653 49.62 14.66 31.15
CA ASP A 653 49.51 15.82 30.27
C ASP A 653 50.65 15.85 29.27
N LEU A 654 50.35 15.54 28.01
CA LEU A 654 51.35 15.49 26.95
C LEU A 654 50.65 15.68 25.61
N ASN A 655 51.43 15.57 24.53
CA ASN A 655 50.93 15.80 23.19
C ASN A 655 50.14 14.58 22.69
N ARG A 656 49.71 14.61 21.44
CA ARG A 656 48.90 13.56 20.85
C ARG A 656 49.72 12.55 20.06
N ASP A 657 50.79 13.00 19.40
CA ASP A 657 51.61 12.09 18.61
C ASP A 657 52.45 11.16 19.48
N ASP A 658 52.63 11.49 20.76
CA ASP A 658 53.46 10.65 21.62
C ASP A 658 52.67 9.45 22.14
N VAL A 659 51.40 9.66 22.53
CA VAL A 659 50.61 8.55 23.01
C VAL A 659 50.27 7.58 21.87
N GLU A 660 50.12 8.10 20.66
CA GLU A 660 49.85 7.28 19.48
C GLU A 660 51.11 6.98 18.68
N SER A 661 52.27 6.95 19.35
CA SER A 661 53.52 6.65 18.65
C SER A 661 53.51 5.23 18.10
N GLU A 662 53.42 4.25 18.99
CA GLU A 662 53.32 2.85 18.60
C GLU A 662 52.34 2.15 19.54
N LEU A 663 51.55 1.23 18.99
CA LEU A 663 50.52 0.58 19.77
C LEU A 663 50.65 -0.94 19.72
N THR A 664 49.66 -1.64 20.25
CA THR A 664 49.61 -3.10 20.19
C THR A 664 48.18 -3.51 19.89
N PHE A 665 48.01 -4.42 18.94
CA PHE A 665 46.69 -4.85 18.52
C PHE A 665 45.97 -5.54 19.67
N ASN A 666 44.68 -5.21 19.86
CA ASN A 666 43.90 -5.73 20.97
C ASN A 666 42.51 -6.21 20.59
N GLY A 667 42.06 -6.04 19.36
CA GLY A 667 40.79 -6.61 18.94
C GLY A 667 39.95 -5.75 18.04
N PHE A 668 38.97 -6.34 17.38
CA PHE A 668 38.03 -5.63 16.53
C PHE A 668 36.72 -5.41 17.27
N LEU A 669 35.81 -4.69 16.62
CA LEU A 669 34.46 -4.49 17.10
C LEU A 669 33.54 -4.44 15.90
N ILE A 670 32.59 -5.36 15.81
CA ILE A 670 31.80 -5.56 14.60
C ILE A 670 30.35 -5.21 14.89
N PHE A 671 29.78 -4.32 14.08
CA PHE A 671 28.41 -3.85 14.23
C PHE A 671 27.67 -4.08 12.93
N HIS A 672 26.45 -4.62 13.01
CA HIS A 672 25.60 -4.70 11.84
C HIS A 672 24.14 -4.82 12.28
N CYS A 673 23.25 -4.29 11.47
CA CYS A 673 21.82 -4.38 11.75
C CYS A 673 21.36 -5.81 11.64
N PRO A 674 20.58 -6.32 12.59
CA PRO A 674 20.20 -7.74 12.57
C PRO A 674 18.91 -7.99 11.79
N LEU A 675 18.86 -9.15 11.16
CA LEU A 675 17.66 -9.57 10.44
C LEU A 675 16.49 -9.74 11.41
N LYS A 676 15.28 -9.60 10.86
CA LYS A 676 14.09 -9.97 11.60
C LYS A 676 13.97 -11.49 11.65
N ASP A 677 13.58 -12.00 12.82
CA ASP A 677 13.48 -13.45 13.00
C ASP A 677 12.41 -14.09 12.14
N ASP A 678 11.66 -13.32 11.36
CA ASP A 678 10.57 -13.83 10.55
C ASP A 678 10.82 -13.68 9.05
N ALA A 679 11.94 -13.08 8.65
CA ALA A 679 12.16 -12.81 7.24
C ALA A 679 12.56 -14.05 6.46
N ILE A 680 13.43 -14.89 7.05
CA ILE A 680 13.93 -16.06 6.33
C ILE A 680 12.79 -17.02 5.99
N GLU A 681 11.96 -17.31 6.99
CA GLU A 681 10.87 -18.27 6.77
C GLU A 681 9.82 -17.70 5.81
N THR A 682 9.51 -16.41 5.93
CA THR A 682 8.54 -15.81 5.01
C THR A 682 9.05 -15.85 3.57
N ILE A 683 10.33 -15.54 3.35
CA ILE A 683 10.85 -15.57 1.99
C ILE A 683 10.94 -16.99 1.47
N LYS A 684 11.25 -17.96 2.34
CA LYS A 684 11.25 -19.35 1.88
C LYS A 684 9.84 -19.80 1.50
N MET A 685 8.84 -19.39 2.26
CA MET A 685 7.46 -19.76 1.95
C MET A 685 6.97 -19.07 0.68
N LEU A 686 7.47 -17.87 0.40
CA LEU A 686 7.11 -17.20 -0.85
C LEU A 686 7.88 -17.78 -2.04
N ASN A 687 9.05 -18.37 -1.79
CA ASN A 687 9.81 -18.98 -2.88
C ASN A 687 9.24 -20.35 -3.24
N GLU A 688 8.78 -21.11 -2.24
CA GLU A 688 8.18 -22.41 -2.48
C GLU A 688 6.72 -22.33 -2.91
N SER A 689 6.27 -21.16 -3.37
CA SER A 689 4.87 -20.96 -3.73
C SER A 689 4.74 -20.26 -5.08
N SER A 690 5.73 -20.42 -5.94
CA SER A 690 5.70 -19.89 -7.31
C SER A 690 5.57 -18.37 -7.33
N HIS A 691 6.27 -17.70 -6.41
CA HIS A 691 6.41 -16.26 -6.41
C HIS A 691 7.85 -15.88 -6.68
N ARG A 692 8.05 -14.70 -7.24
CA ARG A 692 9.37 -14.14 -7.46
C ARG A 692 9.53 -12.92 -6.56
N SER A 693 10.53 -12.96 -5.69
CA SER A 693 10.75 -11.90 -4.71
C SER A 693 12.06 -11.19 -5.01
N ILE A 694 12.01 -9.86 -5.10
CA ILE A 694 13.18 -9.04 -5.38
C ILE A 694 13.33 -8.02 -4.25
N MET A 695 14.48 -7.34 -4.25
CA MET A 695 14.82 -6.38 -3.22
C MET A 695 15.20 -5.05 -3.85
N ILE A 696 14.58 -3.97 -3.37
CA ILE A 696 14.84 -2.62 -3.86
C ILE A 696 15.21 -1.78 -2.65
N THR A 697 16.50 -1.51 -2.48
CA THR A 697 17.02 -0.88 -1.27
C THR A 697 17.71 0.42 -1.60
N GLY A 698 18.32 1.02 -0.57
CA GLY A 698 19.07 2.25 -0.73
C GLY A 698 20.47 2.19 -0.17
N ASP A 699 20.81 1.09 0.49
CA ASP A 699 22.14 0.91 1.06
C ASP A 699 23.17 0.67 -0.03
N ASN A 700 24.43 0.55 0.39
CA ASN A 700 25.50 0.23 -0.54
C ASN A 700 25.28 -1.18 -1.11
N PRO A 701 25.85 -1.46 -2.28
CA PRO A 701 25.59 -2.78 -2.91
C PRO A 701 26.09 -3.95 -2.10
N LEU A 702 27.17 -3.78 -1.33
CA LEU A 702 27.73 -4.92 -0.59
C LEU A 702 26.76 -5.41 0.48
N THR A 703 26.22 -4.50 1.29
CA THR A 703 25.29 -4.90 2.34
C THR A 703 23.99 -5.44 1.75
N ALA A 704 23.51 -4.83 0.67
CA ALA A 704 22.30 -5.33 0.03
C ALA A 704 22.49 -6.75 -0.48
N VAL A 705 23.62 -7.01 -1.14
CA VAL A 705 23.88 -8.35 -1.65
C VAL A 705 24.03 -9.34 -0.50
N HIS A 706 24.68 -8.93 0.59
CA HIS A 706 24.86 -9.83 1.73
C HIS A 706 23.52 -10.20 2.35
N VAL A 707 22.65 -9.21 2.58
CA VAL A 707 21.37 -9.51 3.20
C VAL A 707 20.49 -10.32 2.26
N ALA A 708 20.51 -10.01 0.96
CA ALA A 708 19.71 -10.77 0.01
C ALA A 708 20.19 -12.22 -0.11
N LYS A 709 21.50 -12.45 0.05
CA LYS A 709 22.02 -13.81 0.01
C LYS A 709 21.70 -14.55 1.29
N GLU A 710 21.72 -13.86 2.43
CA GLU A 710 21.41 -14.51 3.70
C GLU A 710 19.94 -14.86 3.81
N VAL A 711 19.06 -14.01 3.27
CA VAL A 711 17.63 -14.25 3.37
C VAL A 711 17.20 -15.36 2.42
N GLY A 712 17.71 -15.35 1.19
CA GLY A 712 17.36 -16.38 0.23
C GLY A 712 16.81 -15.85 -1.07
N ILE A 713 17.17 -14.63 -1.44
CA ILE A 713 16.74 -14.06 -2.72
C ILE A 713 17.69 -14.46 -3.85
N VAL A 714 19.01 -14.40 -3.62
CA VAL A 714 20.00 -14.87 -4.57
C VAL A 714 20.67 -16.11 -4.00
N PHE A 715 21.12 -17.00 -4.88
CA PHE A 715 21.73 -18.25 -4.45
C PHE A 715 23.19 -18.36 -4.84
N GLY A 716 23.52 -18.23 -6.13
CA GLY A 716 24.89 -18.45 -6.59
C GLY A 716 25.79 -17.25 -6.39
N GLU A 717 26.80 -17.15 -7.25
CA GLU A 717 27.69 -16.00 -7.22
C GLU A 717 26.96 -14.78 -7.80
N THR A 718 27.26 -13.61 -7.24
CA THR A 718 26.53 -12.39 -7.57
C THR A 718 27.47 -11.38 -8.21
N LEU A 719 27.03 -10.77 -9.30
CA LEU A 719 27.74 -9.69 -9.97
C LEU A 719 27.02 -8.38 -9.71
N ILE A 720 27.77 -7.28 -9.79
CA ILE A 720 27.26 -5.95 -9.47
C ILE A 720 27.60 -5.01 -10.62
N LEU A 721 26.62 -4.20 -11.04
CA LEU A 721 26.82 -3.16 -12.03
C LEU A 721 27.02 -1.82 -11.32
N ASP A 722 28.17 -1.19 -11.56
CA ASP A 722 28.43 0.11 -10.96
C ASP A 722 29.37 0.86 -11.90
N ARG A 723 29.69 2.10 -11.55
CA ARG A 723 30.60 2.88 -12.37
C ARG A 723 31.98 2.25 -12.38
N ALA A 724 32.65 2.31 -13.54
CA ALA A 724 33.98 1.71 -13.65
C ALA A 724 35.01 2.56 -12.93
N GLY A 725 35.18 3.80 -13.34
CA GLY A 725 36.12 4.69 -12.69
C GLY A 725 35.47 5.60 -11.68
N LYS A 726 35.85 6.88 -11.68
CA LYS A 726 35.27 7.85 -10.77
C LYS A 726 34.62 9.01 -11.49
N SER A 727 35.30 9.62 -12.45
CA SER A 727 34.88 10.92 -12.97
C SER A 727 33.54 10.90 -13.71
N ASP A 728 33.48 10.25 -14.86
CA ASP A 728 32.36 10.45 -15.78
C ASP A 728 32.44 9.39 -16.89
N ASP A 729 31.68 9.63 -17.96
CA ASP A 729 31.67 8.93 -19.25
C ASP A 729 30.83 7.66 -19.25
N ASN A 730 30.06 7.38 -18.19
CA ASN A 730 29.04 6.33 -18.19
C ASN A 730 29.59 5.01 -18.71
N GLN A 731 30.54 4.45 -17.98
CA GLN A 731 31.12 3.14 -18.29
C GLN A 731 30.85 2.22 -17.12
N LEU A 732 29.89 1.32 -17.27
CA LEU A 732 29.58 0.38 -16.22
C LEU A 732 30.61 -0.74 -16.18
N LEU A 733 30.53 -1.59 -15.15
CA LEU A 733 31.51 -2.65 -14.97
C LEU A 733 30.91 -3.75 -14.12
N PHE A 734 30.83 -4.96 -14.68
CA PHE A 734 30.39 -6.13 -13.93
C PHE A 734 31.54 -6.56 -13.01
N ARG A 735 31.30 -6.48 -11.70
CA ARG A 735 32.35 -6.72 -10.73
C ARG A 735 31.80 -7.59 -9.60
N ASP A 736 32.52 -8.65 -9.28
CA ASP A 736 32.09 -9.57 -8.23
C ASP A 736 32.17 -8.89 -6.87
N VAL A 737 31.63 -9.57 -5.85
CA VAL A 737 31.73 -9.07 -4.49
C VAL A 737 33.19 -8.97 -4.07
N GLU A 738 33.99 -9.97 -4.43
CA GLU A 738 35.43 -9.92 -4.27
C GLU A 738 36.04 -9.32 -5.53
N GLU A 739 37.36 -9.45 -5.69
CA GLU A 739 38.06 -8.91 -6.85
C GLU A 739 38.42 -10.00 -7.86
N THR A 740 37.55 -10.98 -8.05
CA THR A 740 37.87 -12.10 -8.92
C THR A 740 37.67 -11.75 -10.40
N VAL A 741 36.44 -11.44 -10.80
CA VAL A 741 36.10 -11.20 -12.18
C VAL A 741 35.72 -9.73 -12.36
N SER A 742 36.25 -9.11 -13.41
CA SER A 742 35.94 -7.72 -13.76
C SER A 742 35.60 -7.69 -15.24
N ILE A 743 34.34 -7.93 -15.56
CA ILE A 743 33.85 -7.91 -16.94
C ILE A 743 33.49 -6.47 -17.28
N PRO A 744 34.20 -5.82 -18.20
CA PRO A 744 33.83 -4.46 -18.57
C PRO A 744 32.60 -4.43 -19.46
N PHE A 745 31.93 -3.28 -19.45
CA PHE A 745 30.72 -3.10 -20.21
C PHE A 745 30.63 -1.64 -20.65
N ASP A 746 29.91 -1.40 -21.74
CA ASP A 746 29.76 -0.07 -22.29
C ASP A 746 28.33 0.14 -22.78
N PRO A 747 27.57 1.03 -22.15
CA PRO A 747 26.16 1.19 -22.52
C PRO A 747 25.95 1.96 -23.82
N SER A 748 27.03 2.16 -24.58
CA SER A 748 26.94 2.83 -25.87
C SER A 748 27.17 1.89 -27.05
N LYS A 749 28.00 0.86 -26.89
CA LYS A 749 28.29 -0.08 -27.96
C LYS A 749 27.88 -1.50 -27.63
N ASP A 750 28.28 -2.02 -26.48
CA ASP A 750 28.09 -3.43 -26.18
C ASP A 750 26.62 -3.76 -25.93
N THR A 751 26.36 -5.06 -25.75
CA THR A 751 25.02 -5.54 -25.46
C THR A 751 25.13 -6.77 -24.56
N PHE A 752 24.06 -7.02 -23.80
CA PHE A 752 24.06 -8.10 -22.83
C PHE A 752 24.13 -9.46 -23.54
N ASP A 753 25.21 -10.19 -23.30
CA ASP A 753 25.34 -11.55 -23.82
C ASP A 753 24.71 -12.49 -22.79
N HIS A 754 23.46 -12.88 -23.04
CA HIS A 754 22.69 -13.62 -22.05
C HIS A 754 23.36 -14.93 -21.67
N SER A 755 23.81 -15.70 -22.67
CA SER A 755 24.30 -17.05 -22.41
C SER A 755 25.55 -17.05 -21.53
N LYS A 756 26.31 -15.96 -21.51
CA LYS A 756 27.54 -15.92 -20.74
C LYS A 756 27.40 -15.13 -19.44
N LEU A 757 26.36 -14.30 -19.32
CA LEU A 757 26.18 -13.49 -18.12
C LEU A 757 25.05 -14.02 -17.23
N PHE A 758 23.85 -14.16 -17.80
CA PHE A 758 22.68 -14.45 -16.98
C PHE A 758 22.61 -15.90 -16.57
N ASP A 759 23.26 -16.79 -17.31
CA ASP A 759 23.19 -18.22 -16.99
C ASP A 759 24.16 -18.61 -15.88
N ARG A 760 25.24 -17.86 -15.72
CA ARG A 760 26.26 -18.25 -14.75
C ARG A 760 26.23 -17.41 -13.48
N TYR A 761 25.74 -16.18 -13.53
CA TYR A 761 25.78 -15.28 -12.39
C TYR A 761 24.45 -14.56 -12.22
N ASP A 762 24.02 -14.42 -10.97
CA ASP A 762 22.90 -13.55 -10.62
C ASP A 762 23.44 -12.14 -10.44
N ILE A 763 22.90 -11.18 -11.19
CA ILE A 763 23.44 -9.84 -11.18
C ILE A 763 22.52 -8.91 -10.39
N ALA A 764 23.12 -7.87 -9.82
CA ALA A 764 22.42 -6.87 -9.04
C ALA A 764 22.80 -5.49 -9.55
N VAL A 765 21.81 -4.73 -10.00
CA VAL A 765 22.04 -3.44 -10.64
C VAL A 765 21.97 -2.34 -9.58
N THR A 766 22.89 -1.38 -9.67
CA THR A 766 22.87 -0.25 -8.76
C THR A 766 22.02 0.88 -9.35
N GLY A 767 22.10 2.05 -8.73
CA GLY A 767 21.33 3.19 -9.22
C GLY A 767 21.99 3.88 -10.39
N TYR A 768 23.31 4.02 -10.35
CA TYR A 768 24.02 4.69 -11.43
C TYR A 768 23.97 3.87 -12.71
N ALA A 769 24.09 2.54 -12.59
CA ALA A 769 24.00 1.68 -13.77
C ALA A 769 22.59 1.67 -14.34
N LEU A 770 21.57 1.82 -13.50
CA LEU A 770 20.21 1.91 -14.00
C LEU A 770 19.93 3.29 -14.61
N ASN A 771 20.68 4.30 -14.19
CA ASN A 771 20.50 5.64 -14.75
C ASN A 771 21.23 5.78 -16.09
N ALA A 772 22.39 5.15 -16.24
CA ALA A 772 23.15 5.27 -17.48
C ALA A 772 22.70 4.28 -18.55
N LEU A 773 21.76 3.39 -18.22
CA LEU A 773 21.24 2.43 -19.18
C LEU A 773 19.86 2.80 -19.72
N GLU A 774 19.43 4.04 -19.52
CA GLU A 774 18.13 4.45 -20.03
C GLU A 774 18.19 4.63 -21.54
N GLY A 775 17.15 4.13 -22.22
CA GLY A 775 17.12 4.14 -23.65
C GLY A 775 17.80 2.96 -24.32
N HIS A 776 18.42 2.08 -23.55
CA HIS A 776 19.04 0.89 -24.10
C HIS A 776 17.96 -0.04 -24.67
N SER A 777 18.37 -0.83 -25.67
CA SER A 777 17.42 -1.76 -26.28
C SER A 777 17.12 -2.95 -25.38
N GLN A 778 18.07 -3.34 -24.53
CA GLN A 778 17.92 -4.50 -23.67
C GLN A 778 17.70 -4.14 -22.21
N LEU A 779 17.17 -2.96 -21.92
CA LEU A 779 16.88 -2.60 -20.53
C LEU A 779 15.87 -3.54 -19.91
N ARG A 780 14.87 -3.96 -20.69
CA ARG A 780 13.85 -4.86 -20.16
C ARG A 780 14.39 -6.28 -20.02
N ASP A 781 15.24 -6.72 -20.95
CA ASP A 781 15.92 -7.99 -20.80
C ASP A 781 16.80 -7.98 -19.55
N LEU A 782 17.34 -6.82 -19.20
CA LEU A 782 18.07 -6.70 -17.94
C LEU A 782 17.12 -6.82 -16.75
N LEU A 783 16.05 -6.03 -16.76
CA LEU A 783 15.13 -6.02 -15.61
C LEU A 783 14.48 -7.38 -15.39
N ARG A 784 14.49 -8.23 -16.42
CA ARG A 784 13.90 -9.56 -16.25
C ARG A 784 14.80 -10.48 -15.42
N HIS A 785 16.11 -10.20 -15.38
CA HIS A 785 17.07 -11.12 -14.80
C HIS A 785 17.82 -10.56 -13.60
N THR A 786 17.36 -9.46 -13.01
CA THR A 786 17.99 -8.86 -11.85
C THR A 786 17.06 -8.95 -10.64
N TRP A 787 17.58 -9.41 -9.51
CA TRP A 787 16.78 -9.57 -8.31
C TRP A 787 17.09 -8.57 -7.21
N VAL A 788 18.16 -7.79 -7.34
CA VAL A 788 18.57 -6.86 -6.30
C VAL A 788 18.93 -5.52 -6.93
N TYR A 789 18.32 -4.44 -6.43
CA TYR A 789 18.65 -3.09 -6.85
C TYR A 789 19.10 -2.30 -5.63
N ALA A 790 20.34 -1.82 -5.66
CA ALA A 790 20.92 -1.09 -4.55
C ALA A 790 21.18 0.35 -4.95
N ARG A 791 21.12 1.25 -3.96
CA ARG A 791 21.42 2.67 -4.16
C ARG A 791 20.52 3.30 -5.21
N VAL A 792 19.21 3.08 -5.08
CA VAL A 792 18.24 3.70 -5.98
C VAL A 792 17.59 4.87 -5.25
N SER A 793 17.23 5.90 -6.03
CA SER A 793 16.65 7.11 -5.49
C SER A 793 15.13 6.93 -5.30
N PRO A 794 14.52 7.78 -4.47
CA PRO A 794 13.07 7.64 -4.25
C PRO A 794 12.24 7.79 -5.51
N SER A 795 12.80 8.32 -6.60
CA SER A 795 12.08 8.49 -7.85
C SER A 795 12.33 7.38 -8.85
N GLN A 796 13.25 6.45 -8.56
CA GLN A 796 13.50 5.33 -9.44
C GLN A 796 12.73 4.07 -9.05
N LYS A 797 12.28 3.97 -7.79
CA LYS A 797 11.43 2.86 -7.42
C LYS A 797 10.09 2.92 -8.16
N GLU A 798 9.56 4.14 -8.33
CA GLU A 798 8.35 4.30 -9.14
C GLU A 798 8.58 3.84 -10.56
N PHE A 799 9.73 4.17 -11.15
CA PHE A 799 10.02 3.76 -12.52
C PHE A 799 10.15 2.24 -12.61
N LEU A 800 10.80 1.63 -11.62
CA LEU A 800 10.94 0.17 -11.61
C LEU A 800 9.59 -0.51 -11.53
N LEU A 801 8.72 -0.04 -10.64
CA LEU A 801 7.41 -0.67 -10.50
C LEU A 801 6.53 -0.41 -11.73
N ASN A 802 6.64 0.77 -12.34
CA ASN A 802 5.87 1.04 -13.54
C ASN A 802 6.34 0.17 -14.70
N THR A 803 7.64 -0.06 -14.80
CA THR A 803 8.13 -0.95 -15.85
C THR A 803 7.70 -2.39 -15.59
N LEU A 804 7.76 -2.84 -14.34
CA LEU A 804 7.33 -4.19 -14.02
C LEU A 804 5.83 -4.37 -14.26
N LYS A 805 5.04 -3.31 -14.11
CA LYS A 805 3.62 -3.41 -14.42
C LYS A 805 3.38 -3.37 -15.92
N ASP A 806 4.15 -2.55 -16.64
CA ASP A 806 3.98 -2.47 -18.10
C ASP A 806 4.42 -3.74 -18.79
N MET A 807 5.34 -4.49 -18.18
CA MET A 807 5.74 -5.77 -18.76
C MET A 807 4.58 -6.77 -18.75
N GLY A 808 3.71 -6.70 -17.75
CA GLY A 808 2.56 -7.58 -17.68
C GLY A 808 2.42 -8.32 -16.37
N TYR A 809 3.34 -8.10 -15.45
CA TYR A 809 3.31 -8.79 -14.16
C TYR A 809 2.51 -8.00 -13.14
N GLN A 810 2.01 -8.70 -12.13
CA GLN A 810 1.30 -8.10 -11.01
C GLN A 810 2.29 -7.93 -9.86
N THR A 811 2.34 -6.73 -9.29
CA THR A 811 3.40 -6.34 -8.36
C THR A 811 2.88 -6.23 -6.94
N LEU A 812 3.83 -6.11 -6.02
CA LEU A 812 3.56 -5.90 -4.61
C LEU A 812 4.75 -5.16 -4.02
N MET A 813 4.48 -4.30 -3.04
CA MET A 813 5.53 -3.53 -2.39
C MET A 813 5.30 -3.53 -0.90
N CYS A 814 6.36 -3.79 -0.14
CA CYS A 814 6.29 -3.86 1.32
C CYS A 814 7.45 -3.06 1.90
N GLY A 815 7.17 -1.81 2.30
CA GLY A 815 8.20 -0.94 2.83
C GLY A 815 7.69 -0.19 4.05
N ASP A 816 8.57 0.63 4.62
CA ASP A 816 8.23 1.42 5.80
C ASP A 816 8.69 2.86 5.77
N GLY A 817 9.60 3.24 4.88
CA GLY A 817 10.20 4.56 4.94
C GLY A 817 9.42 5.60 4.17
N THR A 818 10.05 6.76 3.99
CA THR A 818 9.47 7.86 3.25
C THR A 818 9.90 7.90 1.79
N ASN A 819 11.02 7.26 1.45
CA ASN A 819 11.50 7.29 0.07
C ASN A 819 10.71 6.37 -0.83
N ASP A 820 10.12 5.31 -0.29
CA ASP A 820 9.35 4.35 -1.08
C ASP A 820 7.85 4.60 -1.01
N VAL A 821 7.44 5.86 -0.93
CA VAL A 821 6.01 6.17 -0.85
C VAL A 821 5.36 6.06 -2.22
N GLY A 822 6.04 6.55 -3.26
CA GLY A 822 5.50 6.45 -4.61
C GLY A 822 5.43 5.01 -5.10
N ALA A 823 6.44 4.20 -4.75
CA ALA A 823 6.39 2.79 -5.09
C ALA A 823 5.24 2.09 -4.38
N LEU A 824 5.00 2.44 -3.11
CA LEU A 824 3.88 1.86 -2.39
C LEU A 824 2.56 2.25 -3.05
N LYS A 825 2.45 3.47 -3.55
CA LYS A 825 1.19 3.89 -4.16
C LYS A 825 0.99 3.23 -5.52
N GLN A 826 2.04 3.13 -6.33
CA GLN A 826 1.89 2.67 -7.71
C GLN A 826 1.72 1.17 -7.84
N ALA A 827 2.10 0.39 -6.83
CA ALA A 827 1.97 -1.05 -6.92
C ALA A 827 0.50 -1.48 -6.90
N HIS A 828 0.25 -2.69 -7.36
CA HIS A 828 -1.11 -3.21 -7.34
C HIS A 828 -1.62 -3.41 -5.92
N VAL A 829 -0.72 -3.78 -5.00
CA VAL A 829 -1.06 -3.92 -3.59
C VAL A 829 0.13 -3.50 -2.74
N GLY A 830 -0.04 -2.48 -1.91
CA GLY A 830 1.03 -1.95 -1.09
C GLY A 830 0.80 -2.28 0.37
N ILE A 831 1.91 -2.47 1.09
CA ILE A 831 1.87 -2.80 2.51
C ILE A 831 2.90 -1.94 3.23
N ALA A 832 2.51 -1.39 4.38
CA ALA A 832 3.38 -0.52 5.17
C ALA A 832 3.53 -1.11 6.56
N LEU A 833 4.74 -1.56 6.89
CA LEU A 833 5.00 -2.20 8.17
C LEU A 833 5.35 -1.15 9.22
N LEU A 834 4.55 -1.07 10.27
CA LEU A 834 4.83 -0.20 11.39
C LEU A 834 5.69 -0.95 12.41
N ASN A 835 5.87 -0.37 13.59
CA ASN A 835 6.61 -1.01 14.67
C ASN A 835 5.67 -1.35 15.81
N GLY A 836 5.95 -2.45 16.48
CA GLY A 836 5.13 -2.91 17.58
C GLY A 836 5.16 -4.43 17.65
N THR A 837 5.00 -4.94 18.86
CA THR A 837 4.99 -6.38 19.11
C THR A 837 3.60 -6.82 19.51
N GLU A 838 3.43 -8.13 19.68
CA GLU A 838 2.13 -8.66 20.10
C GLU A 838 1.82 -8.27 21.54
N GLU A 839 2.80 -8.38 22.44
CA GLU A 839 2.58 -8.07 23.85
C GLU A 839 2.23 -6.60 24.02
N GLY A 840 2.97 -5.71 23.37
CA GLY A 840 2.69 -4.29 23.50
C GLY A 840 1.33 -3.90 22.98
N LEU A 841 0.96 -4.45 21.81
CA LEU A 841 -0.35 -4.14 21.24
C LEU A 841 -1.48 -4.68 22.10
N LYS A 842 -1.33 -5.90 22.63
CA LYS A 842 -2.36 -6.45 23.51
C LYS A 842 -2.48 -5.63 24.78
N LYS A 843 -1.36 -5.19 25.35
CA LYS A 843 -1.42 -4.35 26.55
C LYS A 843 -2.07 -3.02 26.26
N LEU A 844 -1.76 -2.40 25.13
CA LEU A 844 -2.40 -1.14 24.77
C LEU A 844 -3.90 -1.31 24.59
N GLY A 845 -4.31 -2.40 23.94
CA GLY A 845 -5.74 -2.65 23.75
C GLY A 845 -6.45 -2.88 25.08
N GLU A 846 -5.84 -3.65 25.98
CA GLU A 846 -6.44 -3.88 27.28
C GLU A 846 -6.54 -2.58 28.08
N GLN A 847 -5.51 -1.75 28.04
CA GLN A 847 -5.55 -0.48 28.74
C GLN A 847 -6.63 0.43 28.16
N ARG A 848 -6.77 0.45 26.83
CA ARG A 848 -7.82 1.26 26.21
C ARG A 848 -9.20 0.76 26.62
N ARG A 849 -9.39 -0.56 26.67
CA ARG A 849 -10.67 -1.11 27.10
C ARG A 849 -10.97 -0.75 28.55
N LEU A 850 -9.95 -0.84 29.42
CA LEU A 850 -10.16 -0.48 30.82
C LEU A 850 -10.46 1.00 30.98
N GLU A 851 -9.82 1.85 30.17
CA GLU A 851 -10.09 3.28 30.24
C GLU A 851 -11.49 3.61 29.72
N GLY A 852 -11.93 2.90 28.68
CA GLY A 852 -13.28 3.13 28.17
C GLY A 852 -14.35 2.59 29.13
N MET A 853 -14.02 1.56 29.90
CA MET A 853 -14.96 1.01 30.86
C MET A 853 -15.20 1.97 32.01
N LYS A 854 -14.15 2.29 32.75
CA LYS A 854 -14.26 3.20 33.89
C LYS A 854 -13.55 4.52 33.60
N ALA A 950 7.34 -0.83 26.41
CA ALA A 950 7.32 -0.90 24.95
C ALA A 950 7.02 0.48 24.36
N PRO A 951 7.76 0.85 23.32
CA PRO A 951 7.54 2.16 22.69
C PRO A 951 6.29 2.17 21.84
N ALA A 952 5.63 3.33 21.80
CA ALA A 952 4.43 3.47 20.99
C ALA A 952 4.77 3.38 19.51
N LEU A 953 3.73 3.33 18.68
CA LEU A 953 3.89 3.20 17.25
C LEU A 953 3.72 4.56 16.58
N LYS A 954 4.51 4.78 15.53
CA LYS A 954 4.50 6.03 14.77
C LYS A 954 3.87 5.76 13.41
N LEU A 955 2.95 6.63 13.00
CA LEU A 955 2.21 6.40 11.76
C LEU A 955 3.05 6.69 10.52
N GLY A 956 4.03 7.58 10.63
CA GLY A 956 4.95 7.85 9.54
C GLY A 956 4.27 8.30 8.25
N ASP A 957 5.03 8.20 7.16
CA ASP A 957 4.55 8.59 5.84
C ASP A 957 4.30 7.43 4.91
N ALA A 958 4.79 6.23 5.23
CA ALA A 958 4.53 5.08 4.39
C ALA A 958 3.11 4.54 4.57
N SER A 959 2.55 4.69 5.77
CA SER A 959 1.17 4.30 6.02
C SER A 959 0.16 5.28 5.43
N CYS A 960 0.63 6.43 4.94
CA CYS A 960 -0.28 7.40 4.34
C CYS A 960 -0.62 7.05 2.90
N ALA A 961 0.24 6.31 2.21
CA ALA A 961 0.00 5.93 0.83
C ALA A 961 -0.33 4.46 0.63
N ALA A 962 0.14 3.58 1.50
CA ALA A 962 -0.14 2.17 1.34
C ALA A 962 -1.57 1.86 1.78
N PRO A 963 -2.35 1.17 0.95
CA PRO A 963 -3.71 0.78 1.40
C PRO A 963 -3.70 -0.07 2.65
N PHE A 964 -2.91 -1.14 2.67
CA PHE A 964 -2.80 -1.99 3.84
C PHE A 964 -1.74 -1.45 4.78
N THR A 965 -1.97 -1.60 6.08
CA THR A 965 -1.07 -1.04 7.10
C THR A 965 -0.97 -2.04 8.24
N SER A 966 0.05 -2.89 8.20
CA SER A 966 0.25 -3.91 9.21
C SER A 966 0.78 -3.25 10.48
N LYS A 967 -0.09 -3.10 11.48
CA LYS A 967 0.33 -2.48 12.74
C LYS A 967 1.37 -3.30 13.49
N LEU A 968 1.56 -4.57 13.12
CA LEU A 968 2.64 -5.38 13.67
C LEU A 968 3.91 -5.15 12.87
N ALA A 969 5.03 -5.61 13.43
CA ALA A 969 6.33 -5.37 12.82
C ALA A 969 6.83 -6.54 11.98
N ASN A 970 6.36 -7.75 12.21
CA ASN A 970 6.90 -8.91 11.53
C ASN A 970 6.54 -8.88 10.04
N VAL A 971 7.19 -9.74 9.28
CA VAL A 971 7.08 -9.70 7.82
C VAL A 971 6.03 -10.67 7.28
N SER A 972 5.57 -11.63 8.08
CA SER A 972 4.62 -12.64 7.62
C SER A 972 3.26 -12.03 7.27
N ALA A 973 3.11 -10.72 7.46
CA ALA A 973 1.89 -10.05 7.02
C ALA A 973 1.68 -10.20 5.53
N VAL A 974 2.77 -10.23 4.75
CA VAL A 974 2.65 -10.44 3.31
C VAL A 974 2.04 -11.80 3.02
N THR A 975 2.53 -12.84 3.71
CA THR A 975 1.99 -14.18 3.51
C THR A 975 0.52 -14.25 3.91
N ASN A 976 0.16 -13.64 5.04
CA ASN A 976 -1.24 -13.66 5.46
C ASN A 976 -2.14 -12.95 4.46
N ILE A 977 -1.68 -11.81 3.93
CA ILE A 977 -2.48 -11.07 2.97
C ILE A 977 -2.67 -11.88 1.68
N ILE A 978 -1.61 -12.55 1.21
CA ILE A 978 -1.74 -13.36 0.01
C ILE A 978 -2.68 -14.54 0.26
N ARG A 979 -2.59 -15.14 1.45
CA ARG A 979 -3.45 -16.28 1.77
C ARG A 979 -4.92 -15.86 1.83
N GLN A 980 -5.19 -14.64 2.27
CA GLN A 980 -6.58 -14.17 2.25
C GLN A 980 -7.03 -13.76 0.86
N GLY A 981 -6.11 -13.21 0.06
CA GLY A 981 -6.49 -12.81 -1.29
C GLY A 981 -6.84 -13.99 -2.17
N ARG A 982 -6.13 -15.11 -2.01
CA ARG A 982 -6.49 -16.32 -2.75
C ARG A 982 -7.94 -16.73 -2.48
N CYS A 983 -8.31 -16.78 -1.20
CA CYS A 983 -9.67 -17.16 -0.83
C CYS A 983 -10.69 -16.17 -1.36
N ALA A 984 -10.39 -14.87 -1.28
CA ALA A 984 -11.34 -13.87 -1.78
C ALA A 984 -11.55 -14.02 -3.28
N LEU A 985 -10.48 -14.23 -4.04
CA LEU A 985 -10.61 -14.39 -5.48
C LEU A 985 -11.40 -15.66 -5.82
N VAL A 986 -11.15 -16.75 -5.08
CA VAL A 986 -11.90 -17.98 -5.32
C VAL A 986 -13.39 -17.74 -5.06
N ASN A 987 -13.72 -17.05 -3.96
CA ASN A 987 -15.11 -16.75 -3.67
C ASN A 987 -15.75 -15.95 -4.80
N THR A 988 -15.04 -14.93 -5.31
CA THR A 988 -15.58 -14.12 -6.39
C THR A 988 -15.87 -14.97 -7.62
N ILE A 989 -14.93 -15.82 -8.01
CA ILE A 989 -15.10 -16.63 -9.22
C ILE A 989 -16.27 -17.59 -9.05
N GLN A 990 -16.36 -18.25 -7.90
CA GLN A 990 -17.46 -19.20 -7.67
C GLN A 990 -18.80 -18.49 -7.69
N MET A 991 -18.88 -17.31 -7.08
CA MET A 991 -20.14 -16.57 -7.07
C MET A 991 -20.54 -16.16 -8.49
N TYR A 992 -19.57 -15.72 -9.30
CA TYR A 992 -19.90 -15.37 -10.68
C TYR A 992 -20.42 -16.56 -11.46
N LYS A 993 -19.77 -17.71 -11.32
CA LYS A 993 -20.20 -18.89 -12.06
C LYS A 993 -21.59 -19.35 -11.62
N ILE A 994 -21.84 -19.36 -10.31
CA ILE A 994 -23.15 -19.77 -9.82
C ILE A 994 -24.23 -18.80 -10.28
N LEU A 995 -23.93 -17.50 -10.27
CA LEU A 995 -24.90 -16.53 -10.77
C LEU A 995 -25.21 -16.75 -12.24
N ALA A 996 -24.19 -17.04 -13.05
CA ALA A 996 -24.43 -17.30 -14.46
C ALA A 996 -25.34 -18.50 -14.66
N LEU A 997 -25.03 -19.61 -13.97
CA LEU A 997 -25.86 -20.80 -14.11
C LEU A 997 -27.30 -20.54 -13.66
N ASN A 998 -27.47 -19.88 -12.52
CA ASN A 998 -28.82 -19.64 -12.00
C ASN A 998 -29.59 -18.70 -12.91
N CYS A 999 -28.92 -17.71 -13.49
CA CYS A 999 -29.58 -16.82 -14.44
C CYS A 999 -30.06 -17.57 -15.67
N LEU A 1000 -29.20 -18.40 -16.25
CA LEU A 1000 -29.61 -19.18 -17.42
C LEU A 1000 -30.78 -20.11 -17.09
N ILE A 1001 -30.71 -20.78 -15.93
CA ILE A 1001 -31.77 -21.71 -15.56
C ILE A 1001 -33.09 -20.97 -15.32
N SER A 1002 -33.03 -19.82 -14.65
CA SER A 1002 -34.26 -19.07 -14.40
C SER A 1002 -34.84 -18.53 -15.69
N ALA A 1003 -34.00 -18.04 -16.60
CA ALA A 1003 -34.48 -17.53 -17.87
C ALA A 1003 -35.17 -18.63 -18.67
N TYR A 1004 -34.55 -19.81 -18.76
CA TYR A 1004 -35.19 -20.91 -19.46
C TYR A 1004 -36.50 -21.31 -18.78
N SER A 1005 -36.45 -21.46 -17.45
CA SER A 1005 -37.64 -21.83 -16.69
C SER A 1005 -38.81 -20.91 -17.02
N LEU A 1006 -38.64 -19.61 -16.79
CA LEU A 1006 -39.70 -18.68 -17.12
C LEU A 1006 -40.10 -18.80 -18.58
N SER A 1007 -39.18 -18.49 -19.49
CA SER A 1007 -39.51 -18.35 -20.92
C SER A 1007 -40.25 -19.57 -21.46
N ILE A 1008 -39.77 -20.78 -21.17
CA ILE A 1008 -40.39 -21.96 -21.75
C ILE A 1008 -41.53 -22.47 -20.88
N ILE A 1009 -41.24 -22.76 -19.60
CA ILE A 1009 -42.22 -23.40 -18.74
C ILE A 1009 -43.48 -22.54 -18.62
N TYR A 1010 -43.32 -21.25 -18.33
CA TYR A 1010 -44.48 -20.40 -18.06
C TYR A 1010 -45.45 -20.37 -19.23
N MET A 1011 -44.96 -20.58 -20.46
CA MET A 1011 -45.84 -20.68 -21.62
C MET A 1011 -46.58 -22.00 -21.69
N ALA A 1012 -46.39 -22.88 -20.72
CA ALA A 1012 -47.16 -24.11 -20.56
C ALA A 1012 -47.98 -24.01 -19.29
N GLY A 1013 -48.73 -25.07 -19.00
CA GLY A 1013 -49.57 -25.09 -17.82
C GLY A 1013 -48.87 -25.62 -16.59
N VAL A 1014 -47.90 -24.87 -16.08
CA VAL A 1014 -47.15 -25.25 -14.89
C VAL A 1014 -47.20 -24.11 -13.90
N LYS A 1015 -47.83 -24.35 -12.74
CA LYS A 1015 -47.88 -23.37 -11.66
C LYS A 1015 -47.73 -24.10 -10.33
N PHE A 1016 -46.88 -23.57 -9.47
CA PHE A 1016 -46.55 -24.21 -8.20
C PHE A 1016 -47.39 -23.63 -7.06
N GLY A 1017 -47.52 -24.42 -6.00
CA GLY A 1017 -48.23 -23.99 -4.82
C GLY A 1017 -47.43 -22.93 -4.05
N ASP A 1018 -47.83 -22.73 -2.81
CA ASP A 1018 -47.19 -21.72 -1.98
C ASP A 1018 -46.15 -22.33 -1.04
N GLY A 1019 -46.51 -23.41 -0.34
CA GLY A 1019 -45.60 -23.99 0.63
C GLY A 1019 -44.35 -24.57 -0.01
N GLN A 1020 -44.50 -25.22 -1.16
CA GLN A 1020 -43.34 -25.75 -1.88
C GLN A 1020 -42.34 -24.64 -2.18
N ALA A 1021 -42.81 -23.56 -2.80
CA ALA A 1021 -41.95 -22.44 -3.13
C ALA A 1021 -41.33 -21.83 -1.88
N THR A 1022 -42.11 -21.72 -0.80
CA THR A 1022 -41.59 -21.12 0.42
C THR A 1022 -40.44 -21.93 1.00
N VAL A 1023 -40.63 -23.24 1.18
CA VAL A 1023 -39.58 -24.06 1.77
C VAL A 1023 -38.35 -24.12 0.87
N SER A 1024 -38.57 -24.31 -0.44
CA SER A 1024 -37.44 -24.38 -1.35
C SER A 1024 -36.65 -23.07 -1.34
N GLY A 1025 -37.35 -21.93 -1.38
CA GLY A 1025 -36.66 -20.66 -1.36
C GLY A 1025 -35.89 -20.44 -0.09
N LEU A 1026 -36.49 -20.78 1.06
CA LEU A 1026 -35.77 -20.64 2.33
C LEU A 1026 -34.48 -21.44 2.34
N LEU A 1027 -34.56 -22.72 1.99
CA LEU A 1027 -33.37 -23.57 2.07
C LEU A 1027 -32.30 -23.13 1.06
N LEU A 1028 -32.70 -22.83 -0.17
CA LEU A 1028 -31.71 -22.46 -1.17
C LEU A 1028 -31.13 -21.07 -0.90
N SER A 1029 -31.89 -20.18 -0.26
CA SER A 1029 -31.34 -18.89 0.13
C SER A 1029 -30.35 -19.07 1.27
N VAL A 1030 -30.64 -19.96 2.22
CA VAL A 1030 -29.68 -20.27 3.27
C VAL A 1030 -28.36 -20.75 2.65
N CYS A 1031 -28.46 -21.66 1.67
CA CYS A 1031 -27.25 -22.15 1.01
C CYS A 1031 -26.51 -21.03 0.30
N PHE A 1032 -27.23 -20.21 -0.48
CA PHE A 1032 -26.58 -19.14 -1.23
C PHE A 1032 -25.91 -18.13 -0.32
N LEU A 1033 -26.47 -17.88 0.86
CA LEU A 1033 -25.82 -16.98 1.80
C LEU A 1033 -24.64 -17.65 2.50
N SER A 1034 -24.70 -18.97 2.69
CA SER A 1034 -23.59 -19.69 3.29
C SER A 1034 -22.48 -19.98 2.30
N ILE A 1035 -22.66 -19.63 1.02
CA ILE A 1035 -21.59 -19.79 0.03
C ILE A 1035 -20.30 -19.12 0.50
N SER A 1036 -20.41 -17.88 0.99
CA SER A 1036 -19.23 -17.06 1.22
C SER A 1036 -18.36 -17.58 2.35
N ARG A 1037 -18.97 -18.00 3.46
CA ARG A 1037 -18.22 -18.42 4.64
C ARG A 1037 -17.34 -19.63 4.35
N GLY A 1038 -16.02 -19.43 4.37
CA GLY A 1038 -15.08 -20.52 4.17
C GLY A 1038 -13.68 -20.14 4.62
N LYS A 1039 -13.05 -21.01 5.41
CA LYS A 1039 -11.74 -20.68 5.97
C LYS A 1039 -10.63 -21.24 5.09
N PRO A 1040 -9.66 -20.42 4.71
CA PRO A 1040 -8.60 -20.91 3.82
C PRO A 1040 -7.64 -21.85 4.53
N LEU A 1041 -6.86 -22.56 3.71
CA LEU A 1041 -5.87 -23.49 4.23
C LEU A 1041 -4.61 -22.74 4.67
N GLU A 1042 -3.94 -23.29 5.69
CA GLU A 1042 -2.78 -22.65 6.26
C GLU A 1042 -1.54 -22.80 5.39
N LYS A 1043 -1.59 -23.60 4.34
CA LYS A 1043 -0.47 -23.79 3.42
C LYS A 1043 -0.69 -23.00 2.15
N LEU A 1044 0.41 -22.62 1.51
CA LEU A 1044 0.38 -21.96 0.21
C LEU A 1044 0.76 -22.97 -0.87
N SER A 1045 -0.03 -23.00 -1.94
CA SER A 1045 0.15 -23.96 -3.02
C SER A 1045 0.63 -23.25 -4.28
N LYS A 1046 1.20 -24.04 -5.19
CA LYS A 1046 1.80 -23.49 -6.41
C LYS A 1046 0.76 -23.16 -7.47
N GLN A 1047 -0.46 -23.67 -7.35
CA GLN A 1047 -1.51 -23.39 -8.31
C GLN A 1047 -2.26 -22.12 -7.92
N ARG A 1048 -2.49 -21.23 -8.90
CA ARG A 1048 -3.13 -19.96 -8.67
C ARG A 1048 -4.57 -19.97 -9.18
N PRO A 1049 -5.47 -19.25 -8.50
CA PRO A 1049 -6.88 -19.27 -8.91
C PRO A 1049 -7.07 -18.63 -10.28
N GLN A 1050 -8.23 -18.92 -10.87
CA GLN A 1050 -8.57 -18.35 -12.17
C GLN A 1050 -8.98 -16.89 -12.01
N SER A 1051 -8.67 -16.10 -13.03
CA SER A 1051 -9.03 -14.69 -13.06
C SER A 1051 -10.08 -14.49 -14.15
N GLY A 1052 -11.30 -14.15 -13.74
CA GLY A 1052 -12.35 -13.88 -14.70
C GLY A 1052 -13.08 -15.15 -15.14
N ILE A 1053 -14.35 -14.97 -15.48
CA ILE A 1053 -15.17 -16.10 -15.91
C ILE A 1053 -14.97 -16.38 -17.41
N PHE A 1054 -14.66 -15.36 -18.20
CA PHE A 1054 -14.65 -15.49 -19.65
C PHE A 1054 -13.37 -16.17 -20.11
N ASN A 1055 -13.43 -17.49 -20.22
CA ASN A 1055 -12.38 -18.27 -20.88
C ASN A 1055 -13.00 -19.61 -21.29
N VAL A 1056 -12.19 -20.44 -21.95
CA VAL A 1056 -12.72 -21.68 -22.52
C VAL A 1056 -13.22 -22.61 -21.42
N TYR A 1057 -12.46 -22.74 -20.34
CA TYR A 1057 -12.79 -23.70 -19.28
C TYR A 1057 -14.14 -23.38 -18.63
N ILE A 1058 -14.26 -22.19 -18.04
CA ILE A 1058 -15.46 -21.87 -17.29
C ILE A 1058 -16.67 -21.76 -18.19
N MET A 1059 -16.51 -21.14 -19.36
CA MET A 1059 -17.64 -21.00 -20.28
C MET A 1059 -18.10 -22.37 -20.79
N GLY A 1060 -17.17 -23.24 -21.15
CA GLY A 1060 -17.54 -24.57 -21.58
C GLY A 1060 -18.25 -25.35 -20.49
N SER A 1061 -17.74 -25.26 -19.25
CA SER A 1061 -18.38 -25.95 -18.13
C SER A 1061 -19.81 -25.45 -17.94
N ILE A 1062 -20.01 -24.13 -17.95
CA ILE A 1062 -21.34 -23.56 -17.76
C ILE A 1062 -22.28 -24.02 -18.85
N LEU A 1063 -21.86 -23.88 -20.11
CA LEU A 1063 -22.74 -24.22 -21.22
C LEU A 1063 -23.07 -25.71 -21.22
N SER A 1064 -22.11 -26.56 -20.87
CA SER A 1064 -22.38 -27.98 -20.87
C SER A 1064 -23.32 -28.40 -19.74
N GLN A 1065 -23.16 -27.78 -18.56
CA GLN A 1065 -24.09 -28.08 -17.47
C GLN A 1065 -25.50 -27.62 -17.83
N PHE A 1066 -25.62 -26.45 -18.47
CA PHE A 1066 -26.92 -26.01 -18.95
C PHE A 1066 -27.52 -26.99 -19.95
N ALA A 1067 -26.69 -27.53 -20.85
CA ALA A 1067 -27.19 -28.49 -21.83
C ALA A 1067 -27.67 -29.77 -21.15
N VAL A 1068 -26.94 -30.24 -20.14
CA VAL A 1068 -27.35 -31.44 -19.42
C VAL A 1068 -28.70 -31.22 -18.74
N HIS A 1069 -28.85 -30.07 -18.07
CA HIS A 1069 -30.12 -29.78 -17.42
C HIS A 1069 -31.27 -29.71 -18.43
N ILE A 1070 -31.04 -29.07 -19.56
CA ILE A 1070 -32.07 -28.97 -20.59
C ILE A 1070 -32.46 -30.36 -21.09
N ALA A 1071 -31.48 -31.23 -21.32
CA ALA A 1071 -31.79 -32.57 -21.81
C ALA A 1071 -32.62 -33.35 -20.81
N THR A 1072 -32.23 -33.31 -19.53
CA THR A 1072 -32.99 -33.98 -18.49
C THR A 1072 -34.44 -33.48 -18.45
N LEU A 1073 -34.61 -32.16 -18.47
CA LEU A 1073 -35.95 -31.60 -18.32
C LEU A 1073 -36.82 -31.91 -19.53
N VAL A 1074 -36.23 -31.88 -20.74
CA VAL A 1074 -36.99 -32.21 -21.94
C VAL A 1074 -37.42 -33.69 -21.91
N TYR A 1075 -36.52 -34.58 -21.52
CA TYR A 1075 -36.88 -35.99 -21.44
C TYR A 1075 -38.03 -36.22 -20.46
N ILE A 1076 -37.94 -35.60 -19.28
CA ILE A 1076 -38.99 -35.85 -18.29
C ILE A 1076 -40.31 -35.23 -18.72
N THR A 1077 -40.27 -34.08 -19.41
CA THR A 1077 -41.51 -33.48 -19.89
C THR A 1077 -42.16 -34.37 -20.93
N THR A 1078 -41.36 -34.94 -21.84
CA THR A 1078 -41.91 -35.88 -22.81
C THR A 1078 -42.53 -37.09 -22.11
N GLU A 1079 -41.87 -37.60 -21.07
CA GLU A 1079 -42.42 -38.74 -20.35
C GLU A 1079 -43.75 -38.39 -19.69
N ILE A 1080 -43.84 -37.24 -19.04
CA ILE A 1080 -45.08 -36.86 -18.37
C ILE A 1080 -46.19 -36.63 -19.37
N TYR A 1081 -45.89 -36.00 -20.52
CA TYR A 1081 -46.88 -35.86 -21.58
C TYR A 1081 -47.25 -37.21 -22.19
N LYS A 1082 -46.40 -38.22 -22.01
CA LYS A 1082 -46.81 -39.57 -22.38
C LYS A 1082 -47.81 -40.13 -21.37
N LEU A 1083 -47.60 -39.86 -20.07
CA LEU A 1083 -48.56 -40.32 -19.07
C LEU A 1083 -49.91 -39.64 -19.24
N GLU A 1084 -49.95 -38.32 -19.09
CA GLU A 1084 -51.19 -37.56 -19.15
C GLU A 1084 -51.33 -36.87 -20.49
N PRO A 1085 -52.56 -36.53 -20.91
CA PRO A 1085 -52.75 -35.83 -22.18
C PRO A 1085 -52.03 -34.49 -22.21
N ARG A 1086 -51.83 -33.99 -23.43
CA ARG A 1086 -51.02 -32.79 -23.62
C ARG A 1086 -51.78 -31.51 -23.29
N GLU A 1087 -53.10 -31.51 -23.46
CA GLU A 1087 -53.93 -30.32 -23.25
C GLU A 1087 -53.42 -29.15 -24.09
N PRO A 1088 -53.63 -29.18 -25.41
CA PRO A 1088 -53.07 -28.12 -26.26
C PRO A 1088 -53.52 -26.72 -25.89
N GLN A 1089 -54.79 -26.53 -25.55
CA GLN A 1089 -55.28 -25.23 -25.14
C GLN A 1089 -54.84 -24.95 -23.71
N VAL A 1090 -54.16 -23.82 -23.51
CA VAL A 1090 -53.62 -23.44 -22.20
C VAL A 1090 -54.12 -22.05 -21.84
N ASP A 1091 -54.36 -21.83 -20.55
CA ASP A 1091 -54.74 -20.54 -20.02
C ASP A 1091 -53.80 -20.17 -18.87
N LEU A 1092 -53.45 -18.89 -18.80
CA LEU A 1092 -52.48 -18.41 -17.82
C LEU A 1092 -53.14 -17.72 -16.63
N GLU A 1093 -54.44 -17.90 -16.43
CA GLU A 1093 -55.14 -17.37 -15.28
C GLU A 1093 -55.56 -18.44 -14.29
N LYS A 1094 -55.52 -19.71 -14.69
CA LYS A 1094 -55.96 -20.79 -13.82
C LYS A 1094 -55.03 -20.91 -12.62
N GLU A 1095 -55.63 -21.01 -11.42
CA GLU A 1095 -54.86 -21.02 -10.19
C GLU A 1095 -54.12 -22.35 -10.03
N PHE A 1096 -53.41 -22.49 -8.92
CA PHE A 1096 -52.68 -23.72 -8.65
C PHE A 1096 -53.65 -24.87 -8.39
N ALA A 1097 -53.36 -26.02 -9.01
CA ALA A 1097 -54.18 -27.21 -8.86
C ALA A 1097 -53.26 -28.42 -8.84
N PRO A 1098 -53.44 -29.34 -7.90
CA PRO A 1098 -52.56 -30.52 -7.81
C PRO A 1098 -52.59 -31.33 -9.09
N SER A 1099 -51.46 -31.40 -9.78
CA SER A 1099 -51.33 -32.12 -11.03
C SER A 1099 -50.04 -32.93 -11.00
N LEU A 1100 -49.81 -33.69 -12.06
CA LEU A 1100 -48.61 -34.52 -12.14
C LEU A 1100 -47.44 -33.77 -12.76
N LEU A 1101 -47.70 -32.90 -13.74
CA LEU A 1101 -46.64 -32.05 -14.27
C LEU A 1101 -46.04 -31.19 -13.18
N ASN A 1102 -46.88 -30.73 -12.25
CA ASN A 1102 -46.40 -29.95 -11.11
C ASN A 1102 -45.25 -30.65 -10.38
N THR A 1103 -45.51 -31.86 -9.88
CA THR A 1103 -44.49 -32.55 -9.10
C THR A 1103 -43.32 -32.99 -9.98
N GLY A 1104 -43.61 -33.47 -11.19
CA GLY A 1104 -42.55 -33.90 -12.08
C GLY A 1104 -41.59 -32.80 -12.45
N ILE A 1105 -42.05 -31.54 -12.40
CA ILE A 1105 -41.16 -30.42 -12.66
C ILE A 1105 -40.52 -29.93 -11.38
N PHE A 1106 -41.26 -29.91 -10.27
CA PHE A 1106 -40.74 -29.31 -9.05
C PHE A 1106 -39.59 -30.13 -8.46
N ILE A 1107 -39.74 -31.45 -8.43
CA ILE A 1107 -38.66 -32.27 -7.88
C ILE A 1107 -37.37 -32.05 -8.65
N ILE A 1108 -37.46 -31.97 -9.98
CA ILE A 1108 -36.26 -31.80 -10.78
C ILE A 1108 -35.69 -30.40 -10.65
N GLN A 1109 -36.55 -29.40 -10.47
CA GLN A 1109 -36.03 -28.06 -10.17
C GLN A 1109 -35.20 -28.09 -8.88
N LEU A 1110 -35.70 -28.77 -7.85
CA LEU A 1110 -34.95 -28.89 -6.60
C LEU A 1110 -33.61 -29.58 -6.83
N VAL A 1111 -33.62 -30.69 -7.55
CA VAL A 1111 -32.37 -31.45 -7.74
C VAL A 1111 -31.37 -30.66 -8.57
N GLN A 1112 -31.84 -29.90 -9.56
CA GLN A 1112 -30.94 -29.07 -10.34
C GLN A 1112 -30.33 -27.97 -9.48
N GLN A 1113 -31.13 -27.35 -8.60
CA GLN A 1113 -30.58 -26.31 -7.74
C GLN A 1113 -29.62 -26.89 -6.72
N VAL A 1114 -29.76 -28.17 -6.36
CA VAL A 1114 -28.76 -28.79 -5.49
C VAL A 1114 -27.47 -29.08 -6.25
N SER A 1115 -27.59 -29.59 -7.47
CA SER A 1115 -26.40 -29.93 -8.25
C SER A 1115 -25.58 -28.70 -8.61
N THR A 1116 -26.24 -27.60 -8.98
CA THR A 1116 -25.51 -26.41 -9.40
C THR A 1116 -24.67 -25.82 -8.27
N PHE A 1117 -24.91 -26.24 -7.03
CA PHE A 1117 -24.07 -25.88 -5.89
C PHE A 1117 -23.04 -26.96 -5.59
N ALA A 1118 -23.49 -28.22 -5.50
CA ALA A 1118 -22.61 -29.30 -5.06
C ALA A 1118 -21.50 -29.57 -6.05
N VAL A 1119 -21.71 -29.30 -7.34
CA VAL A 1119 -20.68 -29.58 -8.33
C VAL A 1119 -19.68 -28.45 -8.42
N ASN A 1120 -20.15 -27.20 -8.33
CA ASN A 1120 -19.32 -26.05 -8.60
C ASN A 1120 -18.63 -25.47 -7.37
N TYR A 1121 -19.18 -25.67 -6.17
CA TYR A 1121 -18.62 -24.99 -5.00
C TYR A 1121 -17.23 -25.49 -4.67
N GLN A 1122 -17.00 -26.79 -4.73
CA GLN A 1122 -15.82 -27.42 -4.13
C GLN A 1122 -14.50 -26.87 -4.66
N GLY A 1123 -13.74 -26.18 -3.82
CA GLY A 1123 -12.37 -25.87 -4.11
C GLY A 1123 -11.44 -26.32 -3.00
N GLU A 1124 -10.64 -27.34 -3.26
CA GLU A 1124 -9.77 -27.93 -2.24
C GLU A 1124 -8.45 -27.18 -2.02
N PRO A 1125 -7.67 -26.89 -3.07
CA PRO A 1125 -6.31 -26.37 -2.82
C PRO A 1125 -6.28 -24.97 -2.22
N PHE A 1126 -7.32 -24.17 -2.41
CA PHE A 1126 -7.32 -22.77 -1.98
C PHE A 1126 -8.04 -22.54 -0.66
N ARG A 1127 -9.14 -23.25 -0.41
CA ARG A 1127 -9.85 -23.12 0.85
C ARG A 1127 -10.33 -24.50 1.30
N GLU A 1128 -10.96 -24.53 2.47
CA GLU A 1128 -11.28 -25.78 3.14
C GLU A 1128 -12.47 -26.45 2.48
N ASN A 1129 -12.62 -27.76 2.75
CA ASN A 1129 -13.57 -28.59 2.04
C ASN A 1129 -15.01 -28.14 2.30
N ILE A 1130 -15.94 -28.74 1.55
CA ILE A 1130 -17.35 -28.42 1.71
C ILE A 1130 -17.89 -28.99 3.02
N ARG A 1131 -17.41 -30.17 3.41
CA ARG A 1131 -17.88 -30.79 4.65
C ARG A 1131 -17.56 -29.93 5.86
N SER A 1132 -16.44 -29.20 5.83
CA SER A 1132 -16.09 -28.29 6.90
C SER A 1132 -16.90 -26.99 6.86
N ASN A 1133 -17.72 -26.79 5.83
CA ASN A 1133 -18.67 -25.69 5.77
C ASN A 1133 -20.02 -26.25 6.19
N LYS A 1134 -20.35 -26.11 7.48
CA LYS A 1134 -21.49 -26.82 8.04
C LYS A 1134 -22.81 -26.29 7.49
N GLY A 1135 -22.90 -24.98 7.25
CA GLY A 1135 -24.12 -24.40 6.75
C GLY A 1135 -24.56 -24.97 5.41
N MET A 1136 -23.71 -24.85 4.40
CA MET A 1136 -24.07 -25.33 3.06
C MET A 1136 -24.19 -26.84 3.04
N TYR A 1137 -23.34 -27.55 3.79
CA TYR A 1137 -23.43 -29.01 3.83
C TYR A 1137 -24.78 -29.45 4.37
N TYR A 1138 -25.22 -28.86 5.48
CA TYR A 1138 -26.50 -29.24 6.06
C TYR A 1138 -27.66 -28.81 5.18
N GLY A 1139 -27.55 -27.64 4.54
CA GLY A 1139 -28.60 -27.23 3.61
C GLY A 1139 -28.76 -28.20 2.45
N LEU A 1140 -27.65 -28.58 1.83
CA LEU A 1140 -27.70 -29.51 0.71
C LEU A 1140 -28.21 -30.87 1.16
N LEU A 1141 -27.80 -31.32 2.35
CA LEU A 1141 -28.30 -32.60 2.85
C LEU A 1141 -29.81 -32.55 3.07
N GLY A 1142 -30.31 -31.45 3.63
CA GLY A 1142 -31.74 -31.33 3.85
C GLY A 1142 -32.52 -31.33 2.55
N VAL A 1143 -32.06 -30.56 1.56
CA VAL A 1143 -32.80 -30.49 0.30
C VAL A 1143 -32.72 -31.82 -0.45
N THR A 1144 -31.57 -32.49 -0.38
CA THR A 1144 -31.45 -33.80 -1.02
C THR A 1144 -32.37 -34.82 -0.38
N GLY A 1145 -32.43 -34.83 0.96
CA GLY A 1145 -33.36 -35.71 1.64
C GLY A 1145 -34.80 -35.43 1.27
N LEU A 1146 -35.16 -34.14 1.20
CA LEU A 1146 -36.51 -33.77 0.79
C LEU A 1146 -36.83 -34.28 -0.61
N ALA A 1147 -35.93 -34.04 -1.56
CA ALA A 1147 -36.17 -34.44 -2.95
C ALA A 1147 -36.27 -35.96 -3.07
N LEU A 1148 -35.37 -36.70 -2.40
CA LEU A 1148 -35.38 -38.15 -2.51
C LEU A 1148 -36.48 -38.81 -1.69
N ALA A 1149 -37.06 -38.10 -0.73
CA ALA A 1149 -38.24 -38.61 -0.05
C ALA A 1149 -39.51 -38.28 -0.81
N SER A 1150 -39.49 -37.23 -1.63
CA SER A 1150 -40.63 -36.92 -2.47
C SER A 1150 -40.64 -37.73 -3.76
N ALA A 1151 -39.48 -38.15 -4.24
CA ALA A 1151 -39.42 -38.86 -5.51
C ALA A 1151 -39.91 -40.29 -5.39
N THR A 1152 -39.46 -41.01 -4.35
CA THR A 1152 -39.86 -42.39 -4.13
C THR A 1152 -40.96 -42.52 -3.10
N GLU A 1153 -41.63 -41.41 -2.75
CA GLU A 1153 -42.71 -41.36 -1.76
C GLU A 1153 -42.44 -42.27 -0.57
N PHE A 1154 -41.22 -42.15 -0.03
CA PHE A 1154 -40.84 -42.93 1.14
C PHE A 1154 -41.71 -42.60 2.34
N LEU A 1155 -42.22 -41.38 2.41
CA LEU A 1155 -43.12 -40.95 3.48
C LEU A 1155 -44.43 -40.50 2.86
N PRO A 1156 -45.49 -41.32 2.90
CA PRO A 1156 -46.77 -40.89 2.30
C PRO A 1156 -47.36 -39.66 2.98
N GLU A 1157 -47.15 -39.52 4.29
CA GLU A 1157 -47.68 -38.35 4.99
C GLU A 1157 -47.01 -37.07 4.50
N LEU A 1158 -45.68 -37.10 4.31
CA LEU A 1158 -44.99 -35.92 3.83
C LEU A 1158 -45.38 -35.58 2.39
N ASN A 1159 -45.55 -36.62 1.56
CA ASN A 1159 -45.98 -36.39 0.18
C ASN A 1159 -47.38 -35.79 0.14
N GLU A 1160 -48.27 -36.24 1.03
CA GLU A 1160 -49.63 -35.73 1.04
C GLU A 1160 -49.69 -34.33 1.62
N ALA A 1161 -48.80 -34.01 2.57
CA ALA A 1161 -48.87 -32.72 3.25
C ALA A 1161 -48.43 -31.57 2.33
N MET A 1162 -47.61 -31.87 1.33
CA MET A 1162 -47.06 -30.84 0.46
C MET A 1162 -47.79 -30.73 -0.87
N LYS A 1163 -49.00 -31.29 -0.98
CA LYS A 1163 -49.83 -31.17 -2.18
C LYS A 1163 -49.17 -31.81 -3.39
N PHE A 1164 -48.78 -33.07 -3.25
CA PHE A 1164 -48.20 -33.85 -4.35
C PHE A 1164 -49.15 -34.97 -4.74
N VAL A 1165 -49.36 -35.12 -6.04
CA VAL A 1165 -50.27 -36.15 -6.56
C VAL A 1165 -49.61 -37.52 -6.38
N PRO A 1166 -50.36 -38.57 -6.04
CA PRO A 1166 -49.77 -39.91 -6.00
C PRO A 1166 -49.34 -40.37 -7.39
N MET A 1167 -48.19 -41.01 -7.45
CA MET A 1167 -47.59 -41.43 -8.71
C MET A 1167 -47.68 -42.94 -8.86
N THR A 1168 -47.41 -43.41 -10.07
CA THR A 1168 -47.34 -44.83 -10.36
C THR A 1168 -45.97 -45.36 -9.95
N ASP A 1169 -45.65 -46.58 -10.36
CA ASP A 1169 -44.35 -47.16 -10.02
C ASP A 1169 -43.31 -46.90 -11.10
N ASP A 1170 -43.67 -47.17 -12.36
CA ASP A 1170 -42.73 -46.95 -13.46
C ASP A 1170 -42.31 -45.49 -13.54
N PHE A 1171 -43.24 -44.57 -13.30
CA PHE A 1171 -42.89 -43.16 -13.32
C PHE A 1171 -41.94 -42.81 -12.18
N LYS A 1172 -42.14 -43.43 -11.01
CA LYS A 1172 -41.21 -43.19 -9.90
C LYS A 1172 -39.81 -43.68 -10.24
N ILE A 1173 -39.71 -44.86 -10.83
CA ILE A 1173 -38.40 -45.38 -11.23
C ILE A 1173 -37.74 -44.46 -12.24
N LYS A 1174 -38.51 -44.04 -13.25
CA LYS A 1174 -37.97 -43.13 -14.27
C LYS A 1174 -37.50 -41.82 -13.66
N LEU A 1175 -38.28 -41.26 -12.74
CA LEU A 1175 -37.92 -39.99 -12.12
C LEU A 1175 -36.64 -40.12 -11.29
N THR A 1176 -36.54 -41.17 -10.48
CA THR A 1176 -35.35 -41.35 -9.65
C THR A 1176 -34.11 -41.54 -10.52
N LEU A 1177 -34.21 -42.41 -11.53
CA LEU A 1177 -33.06 -42.63 -12.41
C LEU A 1177 -32.69 -41.34 -13.13
N THR A 1178 -33.68 -40.53 -13.51
CA THR A 1178 -33.39 -39.28 -14.20
C THR A 1178 -32.65 -38.32 -13.29
N LEU A 1179 -33.06 -38.23 -12.02
CA LEU A 1179 -32.37 -37.36 -11.08
C LEU A 1179 -30.91 -37.78 -10.91
N LEU A 1180 -30.69 -39.08 -10.66
CA LEU A 1180 -29.32 -39.56 -10.47
C LEU A 1180 -28.46 -39.33 -11.71
N LEU A 1181 -29.01 -39.63 -12.89
CA LEU A 1181 -28.24 -39.45 -14.12
C LEU A 1181 -27.95 -37.98 -14.37
N ASP A 1182 -28.91 -37.10 -14.10
CA ASP A 1182 -28.67 -35.66 -14.24
C ASP A 1182 -27.50 -35.21 -13.38
N PHE A 1183 -27.57 -35.51 -12.08
CA PHE A 1183 -26.51 -35.08 -11.18
C PHE A 1183 -25.15 -35.64 -11.61
N PHE A 1184 -25.09 -36.94 -11.91
CA PHE A 1184 -23.81 -37.56 -12.20
C PHE A 1184 -23.25 -37.07 -13.52
N GLY A 1185 -24.10 -36.85 -14.53
CA GLY A 1185 -23.61 -36.32 -15.79
C GLY A 1185 -23.10 -34.91 -15.67
N SER A 1186 -23.80 -34.07 -14.90
CA SER A 1186 -23.31 -32.72 -14.66
C SER A 1186 -21.93 -32.74 -14.00
N TRP A 1187 -21.80 -33.50 -12.91
CA TRP A 1187 -20.52 -33.58 -12.21
C TRP A 1187 -19.43 -34.12 -13.12
N GLY A 1188 -19.73 -35.16 -13.91
CA GLY A 1188 -18.73 -35.75 -14.76
C GLY A 1188 -18.25 -34.82 -15.86
N VAL A 1189 -19.16 -34.06 -16.47
CA VAL A 1189 -18.73 -33.19 -17.55
C VAL A 1189 -17.99 -31.97 -16.99
N GLU A 1190 -18.37 -31.49 -15.81
CA GLU A 1190 -17.58 -30.44 -15.18
C GLU A 1190 -16.16 -30.93 -14.91
N HIS A 1191 -16.02 -32.13 -14.36
CA HIS A 1191 -14.70 -32.69 -14.12
C HIS A 1191 -13.93 -32.92 -15.42
N PHE A 1192 -14.63 -33.26 -16.50
CA PHE A 1192 -14.02 -33.41 -17.81
C PHE A 1192 -13.35 -32.12 -18.26
N PHE A 1193 -14.12 -31.03 -18.27
CA PHE A 1193 -13.55 -29.75 -18.68
C PHE A 1193 -12.44 -29.31 -17.73
N LYS A 1194 -12.60 -29.58 -16.43
CA LYS A 1194 -11.57 -29.19 -15.47
C LYS A 1194 -10.27 -29.94 -15.71
N PHE A 1195 -10.36 -31.22 -16.09
CA PHE A 1195 -9.16 -32.00 -16.32
C PHE A 1195 -8.50 -31.63 -17.65
N PHE A 1196 -9.27 -31.23 -18.65
CA PHE A 1196 -8.64 -30.99 -19.95
C PHE A 1196 -8.22 -29.53 -20.19
N PHE A 1197 -8.87 -28.54 -19.58
CA PHE A 1197 -8.55 -27.16 -19.93
C PHE A 1197 -8.42 -26.27 -18.70
N MET A 1198 -7.68 -26.71 -17.68
CA MET A 1198 -7.54 -25.89 -16.48
C MET A 1198 -6.65 -24.69 -16.74
N ASP A 1199 -5.39 -24.93 -17.11
CA ASP A 1199 -4.43 -23.89 -17.47
C ASP A 1199 -4.22 -22.91 -16.30
N ASP A 1200 -3.64 -23.44 -15.23
CA ASP A 1200 -3.20 -22.64 -14.09
C ASP A 1200 -1.68 -22.64 -14.08
N LYS A 1201 -1.07 -21.68 -14.77
CA LYS A 1201 0.36 -21.67 -15.00
C LYS A 1201 1.02 -20.52 -14.25
N PRO A 1202 2.11 -20.78 -13.53
CA PRO A 1202 2.88 -19.67 -12.96
C PRO A 1202 3.58 -18.88 -14.03
N SER A 1203 3.91 -17.64 -13.70
CA SER A 1203 4.54 -16.74 -14.67
C SER A 1203 5.91 -17.28 -15.07
N ASP A 1204 6.41 -16.77 -16.20
CA ASP A 1204 7.72 -17.21 -16.69
C ASP A 1204 8.84 -16.74 -15.79
N ILE A 1205 8.67 -15.59 -15.13
CA ILE A 1205 9.69 -15.08 -14.22
C ILE A 1205 9.65 -15.80 -12.87
N SER A 1206 8.56 -16.51 -12.56
CA SER A 1206 8.43 -17.15 -11.26
C SER A 1206 9.20 -18.46 -11.18
N VAL A 1207 9.46 -19.10 -12.32
CA VAL A 1207 10.19 -20.36 -12.30
C VAL A 1207 11.63 -20.10 -11.90
N GLN A 1208 12.21 -21.06 -11.17
CA GLN A 1208 13.56 -20.93 -10.63
C GLN A 1208 14.42 -22.05 -11.16
N GLN A 1209 15.56 -21.68 -11.75
CA GLN A 1209 16.48 -22.64 -12.35
C GLN A 1209 17.86 -22.51 -11.71
N VAL A 1210 18.61 -23.61 -11.74
CA VAL A 1210 19.94 -23.64 -11.15
C VAL A 1210 20.90 -22.96 -12.12
N LYS A 1211 21.48 -21.83 -11.69
CA LYS A 1211 22.41 -21.08 -12.51
C LYS A 1211 23.79 -21.73 -12.52
BE BEF B . 14.47 0.86 2.13
F1 BEF B . 13.61 1.46 3.25
F2 BEF B . 15.96 0.69 2.54
F3 BEF B . 14.45 1.78 0.89
MG MG C . 12.84 1.56 4.89
#